data_7KB3
#
_entry.id   7KB3
#
_cell.length_a   112.085
_cell.length_b   116.677
_cell.length_c   120.747
_cell.angle_alpha   90.00
_cell.angle_beta   90.00
_cell.angle_gamma   90.00
#
_symmetry.space_group_name_H-M   'P 21 21 21'
#
loop_
_entity.id
_entity.type
_entity.pdbx_description
1 polymer 'Sensor histidine kinase'
2 non-polymer GLYCEROL
3 non-polymer 'ACETATE ION'
4 non-polymer 'CHLORIDE ION'
5 non-polymer DI(HYDROXYETHYL)ETHER
6 non-polymer 'S,R MESO-TARTARIC ACID'
7 water water
#
_entity_poly.entity_id   1
_entity_poly.type   'polypeptide(L)'
_entity_poly.pdbx_seq_one_letter_code
;SNADSLPERIDLFVSLFDYNSATTSYDIRSIQTDFPTRLLTPDSMLPQTSEYPLKDIQLLYKLAQSCTGKLPLSPLITEP
LVFTRSLCKGSSLSPRWFARSGLIHPGGGTYAFRYAEKYPAQFANLLPYMHIQERPNAAEGTLLYHLQNMGEDAINALVS
GASMFGSGSDLWLRKGDIYYLFNEETWLTNANKAGLSYSLLSADNTCFIQRGNICWDVEDHS
;
_entity_poly.pdbx_strand_id   A,B,C,D
#
# COMPACT_ATOMS: atom_id res chain seq x y z
N ASN A 2 28.13 -15.82 -6.32
CA ASN A 2 28.05 -16.41 -4.99
C ASN A 2 26.65 -16.28 -4.42
N ALA A 3 26.48 -16.65 -3.14
CA ALA A 3 25.17 -16.68 -2.49
C ALA A 3 25.29 -16.02 -1.12
N ASP A 4 25.11 -14.69 -1.10
CA ASP A 4 24.98 -13.94 0.14
C ASP A 4 23.53 -13.55 0.36
N SER A 5 23.14 -13.47 1.63
CA SER A 5 21.75 -13.17 1.95
C SER A 5 21.38 -11.77 1.48
N LEU A 6 20.08 -11.57 1.23
CA LEU A 6 19.62 -10.26 0.78
C LEU A 6 19.92 -9.15 1.78
N PRO A 7 19.72 -9.31 3.10
CA PRO A 7 20.19 -8.27 4.02
C PRO A 7 21.69 -8.09 4.00
N GLU A 8 22.46 -9.17 3.80
CA GLU A 8 23.91 -9.05 3.75
C GLU A 8 24.38 -8.35 2.47
N ARG A 9 23.67 -8.54 1.36
CA ARG A 9 24.03 -7.85 0.13
C ARG A 9 23.76 -6.35 0.23
N ILE A 10 22.75 -5.96 1.01
CA ILE A 10 22.49 -4.54 1.22
C ILE A 10 23.61 -3.90 2.03
N ASP A 11 24.05 -4.58 3.09
CA ASP A 11 25.17 -4.07 3.88
C ASP A 11 26.45 -4.00 3.05
N LEU A 12 26.68 -5.02 2.21
CA LEU A 12 27.81 -4.97 1.29
C LEU A 12 27.67 -3.79 0.33
N PHE A 13 26.44 -3.53 -0.13
CA PHE A 13 26.20 -2.39 -1.01
C PHE A 13 26.57 -1.07 -0.32
N VAL A 14 26.24 -0.95 0.97
CA VAL A 14 26.52 0.29 1.70
C VAL A 14 28.02 0.45 1.94
N SER A 15 28.70 -0.65 2.27
CA SER A 15 30.13 -0.57 2.59
C SER A 15 30.98 -0.21 1.38
N LEU A 16 30.45 -0.33 0.16
CA LEU A 16 31.23 -0.02 -1.03
C LEU A 16 31.37 1.48 -1.25
N PHE A 17 30.54 2.29 -0.58
CA PHE A 17 30.57 3.73 -0.77
C PHE A 17 31.64 4.38 0.09
N ASP A 18 32.29 5.41 -0.45
CA ASP A 18 33.22 6.24 0.29
C ASP A 18 32.52 7.55 0.62
N TYR A 19 32.21 7.75 1.91
CA TYR A 19 31.43 8.91 2.32
C TYR A 19 32.17 10.22 2.09
N ASN A 20 33.50 10.19 1.98
CA ASN A 20 34.25 11.39 1.68
C ASN A 20 34.26 11.72 0.19
N SER A 21 33.75 10.83 -0.66
CA SER A 21 33.67 11.06 -2.09
C SER A 21 32.25 11.45 -2.53
N ALA A 22 31.40 11.85 -1.60
CA ALA A 22 30.02 12.17 -1.92
C ALA A 22 29.92 13.49 -2.67
N THR A 23 28.88 13.61 -3.50
CA THR A 23 28.64 14.86 -4.20
C THR A 23 28.42 16.00 -3.23
N THR A 24 27.57 15.78 -2.22
CA THR A 24 27.35 16.75 -1.15
C THR A 24 26.83 16.00 0.06
N SER A 25 26.69 16.73 1.17
CA SER A 25 26.20 16.13 2.41
C SER A 25 25.40 17.17 3.16
N TYR A 26 24.47 16.69 3.99
CA TYR A 26 23.61 17.56 4.78
C TYR A 26 23.45 16.98 6.18
N ASP A 27 23.38 17.86 7.17
CA ASP A 27 23.16 17.47 8.55
C ASP A 27 21.67 17.37 8.82
N ILE A 28 21.24 16.22 9.36
CA ILE A 28 19.83 16.01 9.64
C ILE A 28 19.31 17.05 10.62
N ARG A 29 20.10 17.39 11.63
CA ARG A 29 19.67 18.37 12.63
C ARG A 29 19.48 19.75 12.00
N SER A 30 20.31 20.09 11.02
CA SER A 30 20.15 21.38 10.34
C SER A 30 18.88 21.40 9.50
N ILE A 31 18.54 20.28 8.88
CA ILE A 31 17.32 20.20 8.09
C ILE A 31 16.08 20.33 8.98
N GLN A 32 16.10 19.65 10.14
CA GLN A 32 14.96 19.71 11.05
C GLN A 32 14.81 21.09 11.67
N THR A 33 15.91 21.83 11.83
CA THR A 33 15.84 23.16 12.42
C THR A 33 15.35 24.19 11.40
N ASP A 34 15.81 24.09 10.16
CA ASP A 34 15.48 25.07 9.13
C ASP A 34 14.17 24.76 8.41
N PHE A 35 13.75 23.49 8.37
CA PHE A 35 12.55 23.08 7.65
C PHE A 35 11.67 22.23 8.56
N PRO A 36 10.64 22.82 9.17
CA PRO A 36 9.66 22.02 9.90
C PRO A 36 8.97 21.03 8.96
N THR A 37 8.54 19.90 9.53
CA THR A 37 8.02 18.81 8.71
C THR A 37 6.79 19.25 7.90
N ARG A 38 5.93 20.08 8.49
CA ARG A 38 4.74 20.53 7.79
C ARG A 38 5.05 21.41 6.59
N LEU A 39 6.28 21.94 6.50
CA LEU A 39 6.69 22.73 5.35
C LEU A 39 7.35 21.88 4.27
N LEU A 40 7.50 20.57 4.49
CA LEU A 40 8.08 19.65 3.53
C LEU A 40 7.07 18.69 2.92
N THR A 41 6.13 18.19 3.72
CA THR A 41 5.19 17.19 3.24
C THR A 41 4.29 17.79 2.17
N PRO A 42 4.13 17.11 1.02
CA PRO A 42 3.29 17.68 -0.04
C PRO A 42 1.83 17.85 0.33
N ASP A 43 1.31 17.05 1.27
CA ASP A 43 -0.11 17.15 1.60
C ASP A 43 -0.46 18.47 2.27
N SER A 44 0.54 19.20 2.78
CA SER A 44 0.27 20.50 3.40
C SER A 44 -0.25 21.51 2.39
N MET A 45 0.06 21.34 1.10
CA MET A 45 -0.42 22.22 0.05
C MET A 45 -1.89 22.00 -0.29
N LEU A 46 -2.47 20.88 0.11
CA LEU A 46 -3.84 20.51 -0.18
C LEU A 46 -4.77 20.94 0.93
N PRO A 47 -6.06 21.10 0.65
CA PRO A 47 -7.03 21.41 1.72
C PRO A 47 -6.98 20.34 2.81
N GLN A 48 -6.95 20.79 4.06
CA GLN A 48 -6.83 19.89 5.21
C GLN A 48 -8.20 19.28 5.55
N THR A 49 -8.73 18.51 4.59
CA THR A 49 -10.08 17.97 4.72
C THR A 49 -10.15 16.82 5.71
N SER A 50 -9.03 16.24 6.11
CA SER A 50 -9.02 15.17 7.10
C SER A 50 -8.73 15.68 8.51
N GLU A 51 -8.27 16.92 8.65
CA GLU A 51 -7.98 17.49 9.96
C GLU A 51 -9.17 18.27 10.52
N TYR A 52 -9.82 19.09 9.69
CA TYR A 52 -10.94 19.91 10.13
C TYR A 52 -12.26 19.36 9.60
N PRO A 53 -13.37 19.59 10.31
CA PRO A 53 -14.68 19.31 9.71
C PRO A 53 -14.89 20.19 8.49
N LEU A 54 -15.52 19.62 7.46
CA LEU A 54 -15.67 20.34 6.21
C LEU A 54 -16.52 21.59 6.35
N LYS A 55 -17.47 21.59 7.29
CA LYS A 55 -18.29 22.77 7.50
C LYS A 55 -17.47 23.95 7.99
N ASP A 56 -16.46 23.68 8.83
CA ASP A 56 -15.62 24.76 9.35
C ASP A 56 -14.69 25.30 8.27
N ILE A 57 -14.17 24.43 7.40
CA ILE A 57 -13.40 24.89 6.26
C ILE A 57 -14.27 25.75 5.35
N GLN A 58 -15.53 25.34 5.17
CA GLN A 58 -16.44 26.10 4.31
C GLN A 58 -16.84 27.41 4.95
N LEU A 59 -17.15 27.40 6.24
CA LEU A 59 -17.47 28.65 6.94
C LEU A 59 -16.30 29.62 6.90
N LEU A 60 -15.07 29.10 7.05
CA LEU A 60 -13.89 29.96 7.01
C LEU A 60 -13.67 30.51 5.61
N TYR A 61 -13.89 29.69 4.57
CA TYR A 61 -13.71 30.15 3.21
C TYR A 61 -14.69 31.25 2.85
N LYS A 62 -15.96 31.05 3.18
CA LYS A 62 -16.97 32.07 2.87
C LYS A 62 -16.77 33.31 3.72
N LEU A 63 -16.19 33.16 4.92
CA LEU A 63 -15.87 34.34 5.72
C LEU A 63 -14.75 35.15 5.09
N ALA A 64 -13.78 34.47 4.48
CA ALA A 64 -12.68 35.19 3.84
C ALA A 64 -13.12 35.88 2.56
N GLN A 65 -14.12 35.33 1.87
CA GLN A 65 -14.56 35.89 0.60
C GLN A 65 -15.35 37.19 0.79
N SER A 66 -16.13 37.28 1.87
CA SER A 66 -16.98 38.43 2.11
C SER A 66 -16.58 39.25 3.33
N CYS A 67 -15.74 38.71 4.21
CA CYS A 67 -15.34 39.38 5.44
C CYS A 67 -16.55 39.73 6.30
N THR A 68 -17.54 38.85 6.28
CA THR A 68 -18.75 38.99 7.08
C THR A 68 -19.45 37.64 7.12
N GLY A 69 -20.36 37.50 8.07
CA GLY A 69 -21.12 36.29 8.22
C GLY A 69 -20.82 35.55 9.52
N LYS A 70 -21.17 34.28 9.53
CA LYS A 70 -21.03 33.46 10.74
C LYS A 70 -19.57 33.10 10.97
N LEU A 71 -19.15 33.17 12.24
CA LEU A 71 -17.79 32.84 12.61
C LEU A 71 -17.73 31.42 13.15
N PRO A 72 -16.89 30.55 12.59
CA PRO A 72 -16.64 29.25 13.23
C PRO A 72 -15.83 29.43 14.50
N LEU A 73 -16.44 29.17 15.65
CA LEU A 73 -15.82 29.41 16.95
C LEU A 73 -15.35 28.13 17.63
N SER A 74 -15.10 27.07 16.87
CA SER A 74 -14.57 25.85 17.44
C SER A 74 -13.12 26.07 17.88
N PRO A 75 -12.70 25.42 18.96
CA PRO A 75 -11.29 25.56 19.38
C PRO A 75 -10.29 25.07 18.35
N LEU A 76 -10.68 24.09 17.52
CA LEU A 76 -9.75 23.60 16.50
C LEU A 76 -9.48 24.64 15.42
N ILE A 77 -10.41 25.56 15.22
CA ILE A 77 -10.30 26.56 14.16
C ILE A 77 -9.88 27.93 14.72
N THR A 78 -9.33 27.96 15.93
CA THR A 78 -9.00 29.22 16.59
C THR A 78 -8.00 30.03 15.75
N GLU A 79 -6.83 29.46 15.49
CA GLU A 79 -5.78 30.18 14.77
C GLU A 79 -6.15 30.47 13.31
N PRO A 80 -6.77 29.53 12.58
CA PRO A 80 -7.28 29.91 11.24
C PRO A 80 -8.27 31.06 11.28
N LEU A 81 -9.08 31.14 12.33
CA LEU A 81 -10.01 32.26 12.47
C LEU A 81 -9.27 33.57 12.75
N VAL A 82 -8.24 33.52 13.61
CA VAL A 82 -7.45 34.71 13.89
C VAL A 82 -6.78 35.21 12.61
N PHE A 83 -6.26 34.30 11.80
CA PHE A 83 -5.64 34.68 10.54
C PHE A 83 -6.66 35.27 9.57
N THR A 84 -7.86 34.68 9.51
CA THR A 84 -8.86 35.13 8.55
C THR A 84 -9.35 36.54 8.88
N ARG A 85 -9.63 36.81 10.15
CA ARG A 85 -10.12 38.13 10.54
C ARG A 85 -9.02 39.18 10.51
N SER A 86 -7.75 38.77 10.61
CA SER A 86 -6.65 39.73 10.51
C SER A 86 -6.52 40.26 9.09
N LEU A 87 -6.66 39.39 8.09
CA LEU A 87 -6.60 39.84 6.70
C LEU A 87 -7.79 40.71 6.34
N CYS A 88 -8.95 40.47 6.94
CA CYS A 88 -10.14 41.25 6.63
C CYS A 88 -10.00 42.68 7.12
N LYS A 89 -9.73 42.85 8.42
CA LYS A 89 -9.54 44.20 8.95
C LYS A 89 -8.25 44.83 8.44
N GLY A 90 -7.23 44.01 8.18
CA GLY A 90 -5.96 44.51 7.74
C GLY A 90 -4.92 44.66 8.83
N SER A 91 -5.12 44.06 9.99
CA SER A 91 -4.13 44.12 11.06
C SER A 91 -2.91 43.29 10.70
N SER A 92 -1.80 43.60 11.36
CA SER A 92 -0.54 42.94 11.08
C SER A 92 -0.39 41.66 11.90
N LEU A 93 0.41 40.74 11.38
CA LEU A 93 0.78 39.52 12.07
C LEU A 93 2.30 39.44 12.12
N SER A 94 2.84 39.35 13.34
CA SER A 94 4.28 39.33 13.52
C SER A 94 4.86 37.98 13.13
N PRO A 95 6.16 37.93 12.81
CA PRO A 95 6.81 36.63 12.58
C PRO A 95 6.69 35.68 13.76
N ARG A 96 6.56 36.22 14.99
CA ARG A 96 6.39 35.36 16.15
C ARG A 96 5.05 34.65 16.12
N TRP A 97 4.01 35.28 15.56
CA TRP A 97 2.73 34.60 15.44
C TRP A 97 2.82 33.43 14.47
N PHE A 98 3.51 33.61 13.34
CA PHE A 98 3.65 32.53 12.37
C PHE A 98 4.44 31.35 12.95
N ALA A 99 5.33 31.62 13.91
CA ALA A 99 6.13 30.55 14.49
C ALA A 99 5.30 29.61 15.34
N ARG A 100 4.23 30.11 15.96
CA ARG A 100 3.41 29.30 16.85
C ARG A 100 2.01 29.02 16.31
N SER A 101 1.64 29.58 15.16
CA SER A 101 0.27 29.47 14.68
C SER A 101 -0.07 28.05 14.23
N GLY A 102 0.92 27.29 13.76
CA GLY A 102 0.68 26.01 13.16
C GLY A 102 1.04 25.95 11.68
N LEU A 103 1.41 27.09 11.10
CA LEU A 103 1.97 27.20 9.75
C LEU A 103 0.94 26.94 8.66
N ILE A 104 0.23 25.82 8.73
CA ILE A 104 -0.59 25.34 7.62
C ILE A 104 -2.00 25.90 7.74
N HIS A 105 -2.50 26.50 6.64
CA HIS A 105 -3.85 27.00 6.50
C HIS A 105 -4.80 25.85 6.14
N PRO A 106 -6.03 25.87 6.65
CA PRO A 106 -6.96 24.76 6.38
C PRO A 106 -7.27 24.55 4.90
N GLY A 107 -7.23 25.60 4.10
CA GLY A 107 -7.47 25.48 2.68
C GLY A 107 -6.29 25.02 1.86
N GLY A 108 -5.17 24.67 2.50
CA GLY A 108 -3.98 24.31 1.79
C GLY A 108 -2.99 25.45 1.74
N GLY A 109 -1.70 25.14 1.85
CA GLY A 109 -0.68 26.17 1.90
C GLY A 109 -0.47 26.70 3.31
N THR A 110 0.38 27.72 3.40
CA THR A 110 0.77 28.28 4.67
C THR A 110 0.12 29.65 4.88
N TYR A 111 0.04 30.05 6.15
CA TYR A 111 -0.42 31.39 6.47
C TYR A 111 0.53 32.44 5.90
N ALA A 112 1.84 32.17 5.95
CA ALA A 112 2.82 33.16 5.54
C ALA A 112 2.73 33.47 4.06
N PHE A 113 2.50 32.44 3.23
CA PHE A 113 2.38 32.68 1.79
C PHE A 113 1.13 33.49 1.48
N ARG A 114 -0.01 33.12 2.06
CA ARG A 114 -1.24 33.88 1.86
C ARG A 114 -1.09 35.30 2.38
N TYR A 115 -0.43 35.47 3.52
CA TYR A 115 -0.16 36.80 4.04
C TYR A 115 0.73 37.60 3.09
N ALA A 116 1.71 36.93 2.47
CA ALA A 116 2.61 37.59 1.54
C ALA A 116 1.93 37.89 0.20
N GLU A 117 0.89 37.14 -0.17
CA GLU A 117 0.16 37.48 -1.38
C GLU A 117 -0.60 38.79 -1.22
N LYS A 118 -1.09 39.08 -0.01
CA LYS A 118 -1.77 40.34 0.24
C LYS A 118 -0.80 41.48 0.50
N TYR A 119 0.33 41.19 1.14
CA TYR A 119 1.39 42.17 1.41
C TYR A 119 2.67 41.66 0.76
N PRO A 120 2.89 41.96 -0.52
CA PRO A 120 4.05 41.38 -1.22
C PRO A 120 5.38 41.80 -0.62
N ALA A 121 5.45 42.94 0.06
CA ALA A 121 6.72 43.40 0.64
C ALA A 121 7.21 42.49 1.75
N GLN A 122 6.33 41.70 2.36
CA GLN A 122 6.70 40.82 3.45
C GLN A 122 7.13 39.44 2.98
N PHE A 123 7.27 39.23 1.66
CA PHE A 123 7.55 37.91 1.14
C PHE A 123 8.92 37.40 1.59
N ALA A 124 9.94 38.26 1.56
CA ALA A 124 11.29 37.82 1.89
C ALA A 124 11.42 37.48 3.37
N ASN A 125 10.79 38.28 4.23
CA ASN A 125 10.91 38.06 5.67
C ASN A 125 10.09 36.87 6.17
N LEU A 126 9.08 36.44 5.41
CA LEU A 126 8.24 35.33 5.82
C LEU A 126 8.57 34.03 5.11
N LEU A 127 9.64 34.01 4.30
CA LEU A 127 10.06 32.78 3.63
C LEU A 127 10.31 31.61 4.57
N PRO A 128 10.94 31.77 5.75
CA PRO A 128 11.13 30.61 6.63
C PRO A 128 9.84 29.96 7.10
N TYR A 129 8.68 30.61 6.93
CA TYR A 129 7.40 30.05 7.37
C TYR A 129 6.54 29.57 6.21
N MET A 130 7.11 29.45 5.01
CA MET A 130 6.38 29.02 3.84
C MET A 130 6.76 27.59 3.46
N HIS A 131 5.83 26.91 2.81
CA HIS A 131 6.12 25.58 2.28
C HIS A 131 7.17 25.68 1.18
N ILE A 132 7.94 24.60 1.02
CA ILE A 132 9.03 24.62 0.03
C ILE A 132 8.48 24.76 -1.37
N GLN A 133 7.26 24.30 -1.62
N GLN A 133 7.25 24.28 -1.61
CA GLN A 133 6.63 24.46 -2.92
CA GLN A 133 6.62 24.46 -2.92
C GLN A 133 6.07 25.86 -3.13
C GLN A 133 6.14 25.88 -3.14
N GLU A 134 5.99 26.67 -2.08
CA GLU A 134 5.56 28.05 -2.21
C GLU A 134 6.73 29.02 -2.41
N ARG A 135 7.93 28.61 -2.04
CA ARG A 135 9.11 29.44 -2.20
C ARG A 135 9.59 29.41 -3.65
N PRO A 136 10.33 30.42 -4.09
CA PRO A 136 10.84 30.43 -5.46
C PRO A 136 11.72 29.21 -5.73
N ASN A 137 11.78 28.83 -7.00
CA ASN A 137 12.59 27.69 -7.41
C ASN A 137 14.06 27.95 -7.11
N ALA A 138 14.63 27.15 -6.21
CA ALA A 138 16.02 27.35 -5.81
C ALA A 138 16.97 26.94 -6.93
N ALA A 139 18.20 27.44 -6.84
CA ALA A 139 19.22 27.10 -7.82
C ALA A 139 19.69 25.66 -7.64
N GLU A 140 20.06 25.04 -8.75
CA GLU A 140 20.50 23.65 -8.73
C GLU A 140 21.76 23.49 -7.89
N GLY A 141 21.76 22.45 -7.06
CA GLY A 141 22.88 22.16 -6.17
C GLY A 141 22.63 22.51 -4.73
N THR A 142 21.64 23.35 -4.43
CA THR A 142 21.34 23.75 -3.07
C THR A 142 20.42 22.73 -2.40
N LEU A 143 20.33 22.84 -1.07
CA LEU A 143 19.46 21.93 -0.32
C LEU A 143 18.00 22.13 -0.68
N LEU A 144 17.57 23.39 -0.81
CA LEU A 144 16.18 23.66 -1.15
C LEU A 144 15.83 23.12 -2.54
N TYR A 145 16.81 23.11 -3.45
CA TYR A 145 16.57 22.54 -4.78
C TYR A 145 16.25 21.05 -4.69
N HIS A 146 17.05 20.30 -3.93
CA HIS A 146 16.80 18.87 -3.78
C HIS A 146 15.48 18.61 -3.09
N LEU A 147 15.12 19.44 -2.11
CA LEU A 147 13.87 19.25 -1.38
C LEU A 147 12.67 19.52 -2.28
N GLN A 148 12.76 20.54 -3.14
CA GLN A 148 11.62 20.90 -3.98
C GLN A 148 11.37 19.85 -5.05
N ASN A 149 12.39 19.11 -5.47
CA ASN A 149 12.24 18.07 -6.48
C ASN A 149 12.10 16.68 -5.86
N MET A 150 11.74 16.60 -4.58
CA MET A 150 11.49 15.32 -3.93
C MET A 150 10.02 14.97 -4.01
N GLY A 151 9.72 13.75 -4.45
CA GLY A 151 8.38 13.24 -4.37
C GLY A 151 7.98 12.98 -2.94
N GLU A 152 6.72 12.58 -2.76
CA GLU A 152 6.20 12.36 -1.42
C GLU A 152 6.91 11.18 -0.74
N ASP A 153 7.31 10.17 -1.51
CA ASP A 153 8.01 9.03 -0.92
C ASP A 153 9.38 9.44 -0.41
N ALA A 154 10.11 10.27 -1.16
CA ALA A 154 11.43 10.71 -0.72
C ALA A 154 11.33 11.63 0.49
N ILE A 155 10.30 12.46 0.55
CA ILE A 155 10.11 13.37 1.68
C ILE A 155 9.87 12.58 2.95
N ASN A 156 8.96 11.59 2.88
CA ASN A 156 8.64 10.80 4.07
C ASN A 156 9.84 9.99 4.55
N ALA A 157 10.64 9.47 3.60
CA ALA A 157 11.85 8.75 3.99
C ALA A 157 12.84 9.67 4.66
N LEU A 158 12.98 10.90 4.17
CA LEU A 158 13.89 11.86 4.77
C LEU A 158 13.44 12.25 6.17
N VAL A 159 12.15 12.52 6.34
CA VAL A 159 11.63 12.96 7.63
C VAL A 159 11.77 11.85 8.67
N SER A 160 11.50 10.61 8.27
CA SER A 160 11.62 9.48 9.19
C SER A 160 13.06 9.03 9.41
N GLY A 161 14.02 9.66 8.75
CA GLY A 161 15.42 9.32 8.94
C GLY A 161 15.78 7.94 8.47
N ALA A 162 15.33 7.58 7.26
CA ALA A 162 15.59 6.26 6.73
C ALA A 162 17.09 6.09 6.42
N SER A 163 17.55 4.84 6.50
CA SER A 163 18.96 4.57 6.24
C SER A 163 19.36 4.98 4.82
N MET A 164 18.41 4.99 3.90
CA MET A 164 18.69 5.38 2.52
C MET A 164 17.38 5.70 1.83
N PHE A 165 17.47 6.48 0.75
CA PHE A 165 16.36 6.71 -0.16
C PHE A 165 16.90 7.34 -1.44
N GLY A 166 16.07 7.29 -2.47
CA GLY A 166 16.43 7.86 -3.77
C GLY A 166 15.47 8.95 -4.17
N SER A 167 16.00 10.00 -4.81
CA SER A 167 15.20 11.12 -5.29
C SER A 167 15.77 11.54 -6.64
N GLY A 168 15.07 11.17 -7.72
CA GLY A 168 15.55 11.48 -9.05
C GLY A 168 16.79 10.69 -9.41
N SER A 169 17.91 11.39 -9.60
CA SER A 169 19.17 10.77 -9.97
C SER A 169 20.15 10.69 -8.80
N ASP A 170 19.71 11.00 -7.59
CA ASP A 170 20.58 11.03 -6.42
C ASP A 170 20.19 9.92 -5.45
N LEU A 171 21.21 9.26 -4.90
CA LEU A 171 21.04 8.30 -3.81
C LEU A 171 21.46 8.96 -2.51
N TRP A 172 20.57 8.92 -1.51
CA TRP A 172 20.84 9.47 -0.20
C TRP A 172 21.18 8.33 0.75
N LEU A 173 22.34 8.40 1.40
CA LEU A 173 22.77 7.41 2.37
C LEU A 173 22.96 8.08 3.72
N ARG A 174 22.36 7.52 4.76
CA ARG A 174 22.47 8.05 6.10
C ARG A 174 23.55 7.30 6.88
N LYS A 175 24.38 8.06 7.60
CA LYS A 175 25.32 7.50 8.57
C LYS A 175 25.42 8.51 9.71
N GLY A 176 24.76 8.19 10.82
CA GLY A 176 24.70 9.13 11.93
C GLY A 176 23.72 10.24 11.63
N ASP A 177 24.16 11.48 11.84
CA ASP A 177 23.34 12.66 11.60
C ASP A 177 23.57 13.29 10.24
N ILE A 178 24.25 12.59 9.33
CA ILE A 178 24.64 13.14 8.03
C ILE A 178 24.04 12.27 6.93
N TYR A 179 23.45 12.92 5.93
CA TYR A 179 23.04 12.26 4.70
C TYR A 179 24.09 12.54 3.63
N TYR A 180 24.55 11.49 2.96
CA TYR A 180 25.54 11.60 1.91
C TYR A 180 24.89 11.29 0.56
N LEU A 181 25.09 12.17 -0.41
CA LEU A 181 24.45 12.06 -1.71
C LEU A 181 25.44 11.50 -2.73
N PHE A 182 24.97 10.54 -3.53
CA PHE A 182 25.76 9.94 -4.60
C PHE A 182 24.93 9.95 -5.89
N ASN A 183 25.63 9.95 -7.02
CA ASN A 183 24.97 10.05 -8.31
C ASN A 183 24.46 8.68 -8.76
N GLU A 184 23.82 8.66 -9.94
N GLU A 184 23.81 8.66 -9.93
CA GLU A 184 23.22 7.44 -10.45
CA GLU A 184 23.22 7.42 -10.44
C GLU A 184 24.28 6.40 -10.81
C GLU A 184 24.30 6.39 -10.77
N GLU A 185 25.41 6.84 -11.37
CA GLU A 185 26.42 5.90 -11.83
C GLU A 185 27.03 5.13 -10.66
N THR A 186 27.29 5.81 -9.53
CA THR A 186 27.80 5.11 -8.35
C THR A 186 26.74 4.19 -7.76
N TRP A 187 25.48 4.62 -7.78
CA TRP A 187 24.39 3.78 -7.29
C TRP A 187 24.29 2.48 -8.09
N LEU A 188 24.32 2.59 -9.42
CA LEU A 188 24.24 1.40 -10.27
C LEU A 188 25.46 0.51 -10.11
N THR A 189 26.65 1.12 -10.01
CA THR A 189 27.88 0.33 -9.94
C THR A 189 27.92 -0.51 -8.68
N ASN A 190 27.67 0.10 -7.53
CA ASN A 190 27.76 -0.63 -6.26
C ASN A 190 26.62 -1.63 -6.10
N ALA A 191 25.44 -1.32 -6.64
CA ALA A 191 24.35 -2.30 -6.60
C ALA A 191 24.66 -3.49 -7.49
N ASN A 192 25.34 -3.27 -8.61
CA ASN A 192 25.73 -4.37 -9.48
C ASN A 192 26.87 -5.19 -8.87
N LYS A 193 27.78 -4.52 -8.14
CA LYS A 193 28.85 -5.25 -7.47
C LYS A 193 28.31 -6.13 -6.35
N ALA A 194 27.26 -5.68 -5.67
CA ALA A 194 26.66 -6.45 -4.58
C ALA A 194 25.63 -7.46 -5.08
N GLY A 195 25.48 -7.61 -6.39
CA GLY A 195 24.50 -8.55 -6.92
C GLY A 195 23.08 -8.18 -6.58
N LEU A 196 22.77 -6.88 -6.60
CA LEU A 196 21.46 -6.38 -6.20
C LEU A 196 20.76 -5.70 -7.37
N SER A 197 19.44 -5.78 -7.38
CA SER A 197 18.59 -4.97 -8.23
C SER A 197 17.62 -4.20 -7.35
N TYR A 198 17.16 -3.06 -7.84
CA TYR A 198 16.28 -2.21 -7.04
C TYR A 198 15.22 -1.58 -7.93
N SER A 199 14.15 -1.13 -7.28
CA SER A 199 13.12 -0.32 -7.90
C SER A 199 12.57 0.62 -6.85
N LEU A 200 12.20 1.83 -7.28
CA LEU A 200 11.64 2.79 -6.35
C LEU A 200 10.18 2.45 -6.05
N LEU A 201 9.74 2.82 -4.85
CA LEU A 201 8.37 2.56 -4.44
C LEU A 201 7.40 3.25 -5.40
N SER A 202 6.57 2.44 -6.06
CA SER A 202 5.70 2.94 -7.13
C SER A 202 4.26 2.54 -6.85
N ALA A 203 3.34 3.43 -7.22
CA ALA A 203 1.91 3.14 -7.14
C ALA A 203 1.42 2.32 -8.31
N ASP A 204 2.30 1.93 -9.24
CA ASP A 204 1.91 1.08 -10.35
C ASP A 204 1.42 -0.28 -9.88
N ASN A 205 1.86 -0.73 -8.71
CA ASN A 205 1.35 -1.99 -8.16
C ASN A 205 -0.07 -1.83 -7.62
N THR A 206 -0.42 -0.63 -7.15
CA THR A 206 -1.72 -0.42 -6.52
C THR A 206 -2.82 -0.42 -7.57
N CYS A 207 -3.91 -1.12 -7.27
CA CYS A 207 -5.10 -1.08 -8.10
C CYS A 207 -5.97 0.09 -7.66
N PHE A 208 -6.45 0.86 -8.63
CA PHE A 208 -7.22 2.06 -8.34
C PHE A 208 -8.72 1.87 -8.55
N ILE A 209 -9.14 0.71 -9.04
CA ILE A 209 -10.57 0.38 -9.14
C ILE A 209 -10.87 -0.66 -8.07
N GLN A 210 -11.11 -0.20 -6.85
CA GLN A 210 -11.19 -1.06 -5.68
C GLN A 210 -12.55 -0.89 -5.01
N ARG A 211 -13.21 -2.01 -4.74
CA ARG A 211 -14.46 -2.05 -3.98
C ARG A 211 -14.26 -3.02 -2.83
N GLY A 212 -14.19 -2.50 -1.62
CA GLY A 212 -13.85 -3.33 -0.47
C GLY A 212 -12.44 -3.86 -0.62
N ASN A 213 -12.29 -5.19 -0.65
CA ASN A 213 -11.01 -5.83 -0.88
C ASN A 213 -10.95 -6.50 -2.26
N ILE A 214 -11.71 -5.97 -3.22
CA ILE A 214 -11.81 -6.52 -4.55
C ILE A 214 -11.26 -5.50 -5.54
N CYS A 215 -10.24 -5.89 -6.29
CA CYS A 215 -9.73 -5.09 -7.39
C CYS A 215 -10.44 -5.50 -8.68
N TRP A 216 -11.06 -4.54 -9.36
CA TRP A 216 -11.78 -4.80 -10.59
C TRP A 216 -10.97 -4.36 -11.80
N ASP A 217 -11.19 -5.06 -12.92
CA ASP A 217 -10.52 -4.73 -14.17
C ASP A 217 -11.39 -5.21 -15.33
N VAL A 218 -11.15 -4.63 -16.49
CA VAL A 218 -11.92 -4.99 -17.69
C VAL A 218 -11.41 -6.31 -18.25
N GLU A 219 -12.31 -7.04 -18.92
CA GLU A 219 -11.94 -8.28 -19.60
C GLU A 219 -12.99 -8.52 -20.69
N ASP A 220 -12.69 -8.04 -21.89
CA ASP A 220 -13.62 -8.17 -23.02
C ASP A 220 -13.64 -9.60 -23.55
N SER B 1 -21.49 -4.58 -22.18
CA SER B 1 -20.92 -4.56 -23.52
C SER B 1 -19.49 -4.05 -23.50
N ASN B 2 -18.90 -3.87 -24.69
CA ASN B 2 -17.56 -3.33 -24.79
C ASN B 2 -17.53 -1.81 -24.67
N ALA B 3 -18.65 -1.14 -24.92
CA ALA B 3 -18.73 0.30 -24.76
C ALA B 3 -18.93 0.71 -23.31
N ASP B 4 -19.30 -0.22 -22.43
CA ASP B 4 -19.47 0.10 -21.03
C ASP B 4 -18.13 0.39 -20.38
N SER B 5 -18.09 1.45 -19.56
CA SER B 5 -16.88 1.80 -18.84
C SER B 5 -16.67 0.85 -17.66
N LEU B 6 -15.46 0.89 -17.11
CA LEU B 6 -15.16 0.05 -15.95
C LEU B 6 -16.08 0.32 -14.77
N PRO B 7 -16.38 1.57 -14.39
CA PRO B 7 -17.41 1.78 -13.36
C PRO B 7 -18.79 1.34 -13.82
N GLU B 8 -19.12 1.49 -15.10
CA GLU B 8 -20.42 1.05 -15.60
C GLU B 8 -20.55 -0.46 -15.55
N ARG B 9 -19.47 -1.19 -15.85
CA ARG B 9 -19.53 -2.64 -15.80
C ARG B 9 -19.69 -3.15 -14.37
N ILE B 10 -19.16 -2.42 -13.39
CA ILE B 10 -19.37 -2.80 -12.00
C ILE B 10 -20.83 -2.65 -11.62
N ASP B 11 -21.47 -1.55 -12.07
CA ASP B 11 -22.90 -1.37 -11.81
C ASP B 11 -23.72 -2.46 -12.49
N LEU B 12 -23.35 -2.83 -13.72
CA LEU B 12 -24.01 -3.94 -14.39
C LEU B 12 -23.80 -5.24 -13.64
N PHE B 13 -22.60 -5.43 -13.09
CA PHE B 13 -22.30 -6.63 -12.30
C PHE B 13 -23.22 -6.73 -11.10
N VAL B 14 -23.40 -5.62 -10.37
CA VAL B 14 -24.24 -5.64 -9.18
C VAL B 14 -25.70 -5.86 -9.54
N SER B 15 -26.14 -5.30 -10.67
CA SER B 15 -27.55 -5.41 -11.06
C SER B 15 -27.93 -6.83 -11.47
N LEU B 16 -26.96 -7.68 -11.80
CA LEU B 16 -27.24 -9.04 -12.23
C LEU B 16 -27.63 -9.97 -11.10
N PHE B 17 -27.49 -9.54 -9.85
CA PHE B 17 -27.76 -10.40 -8.70
C PHE B 17 -29.21 -10.31 -8.27
N ASP B 18 -29.79 -11.46 -7.92
CA ASP B 18 -31.14 -11.55 -7.39
C ASP B 18 -31.02 -11.59 -5.86
N TYR B 19 -31.34 -10.45 -5.22
CA TYR B 19 -31.18 -10.35 -3.78
C TYR B 19 -32.11 -11.29 -3.02
N ASN B 20 -33.17 -11.79 -3.67
CA ASN B 20 -34.01 -12.79 -3.03
C ASN B 20 -33.39 -14.18 -3.07
N SER B 21 -32.52 -14.44 -4.06
CA SER B 21 -31.85 -15.72 -4.21
C SER B 21 -30.52 -15.78 -3.47
N ALA B 22 -30.37 -15.04 -2.38
CA ALA B 22 -29.12 -15.02 -1.64
C ALA B 22 -29.03 -16.20 -0.69
N THR B 23 -27.81 -16.69 -0.46
CA THR B 23 -27.58 -17.78 0.47
C THR B 23 -28.03 -17.39 1.87
N THR B 24 -27.61 -16.22 2.33
CA THR B 24 -28.02 -15.70 3.64
C THR B 24 -27.91 -14.18 3.60
N SER B 25 -28.45 -13.55 4.63
CA SER B 25 -28.43 -12.09 4.73
C SER B 25 -28.22 -11.68 6.18
N TYR B 26 -27.46 -10.61 6.38
CA TYR B 26 -27.19 -10.07 7.71
C TYR B 26 -27.46 -8.58 7.72
N ASP B 27 -27.89 -8.08 8.88
CA ASP B 27 -28.24 -6.68 9.05
C ASP B 27 -27.04 -5.96 9.66
N ILE B 28 -26.58 -4.90 9.00
CA ILE B 28 -25.40 -4.18 9.46
C ILE B 28 -25.65 -3.54 10.83
N ARG B 29 -26.81 -2.95 11.02
CA ARG B 29 -27.14 -2.32 12.29
C ARG B 29 -27.15 -3.33 13.43
N SER B 30 -27.45 -4.60 13.13
CA SER B 30 -27.39 -5.63 14.17
C SER B 30 -25.98 -6.17 14.35
N ILE B 31 -25.17 -6.19 13.29
CA ILE B 31 -23.78 -6.62 13.42
C ILE B 31 -22.98 -5.62 14.24
N GLN B 32 -23.22 -4.33 14.03
CA GLN B 32 -22.48 -3.30 14.74
C GLN B 32 -22.78 -3.32 16.24
N THR B 33 -24.04 -3.58 16.61
CA THR B 33 -24.40 -3.62 18.02
C THR B 33 -23.88 -4.88 18.70
N ASP B 34 -23.99 -6.03 18.02
CA ASP B 34 -23.56 -7.29 18.61
C ASP B 34 -22.05 -7.47 18.60
N PHE B 35 -21.34 -6.80 17.69
CA PHE B 35 -19.89 -6.95 17.55
C PHE B 35 -19.23 -5.58 17.45
N PRO B 36 -18.66 -5.07 18.54
CA PRO B 36 -17.83 -3.86 18.44
C PRO B 36 -16.63 -4.09 17.53
N THR B 37 -16.11 -2.98 16.99
CA THR B 37 -15.02 -3.08 16.03
C THR B 37 -13.77 -3.70 16.65
N ARG B 38 -13.46 -3.34 17.89
CA ARG B 38 -12.27 -3.86 18.54
C ARG B 38 -12.33 -5.36 18.77
N LEU B 39 -13.52 -5.96 18.75
CA LEU B 39 -13.67 -7.40 18.89
C LEU B 39 -13.57 -8.13 17.56
N LEU B 40 -13.50 -7.42 16.44
CA LEU B 40 -13.41 -8.02 15.12
C LEU B 40 -12.05 -7.85 14.46
N THR B 41 -11.35 -6.75 14.73
CA THR B 41 -10.07 -6.49 14.08
C THR B 41 -9.03 -7.51 14.56
N PRO B 42 -8.27 -8.13 13.65
CA PRO B 42 -7.31 -9.15 14.09
C PRO B 42 -6.16 -8.59 14.93
N ASP B 43 -5.81 -7.31 14.75
CA ASP B 43 -4.69 -6.76 15.50
C ASP B 43 -5.01 -6.54 16.98
N SER B 44 -6.28 -6.69 17.37
CA SER B 44 -6.61 -6.62 18.80
C SER B 44 -6.08 -7.82 19.57
N MET B 45 -5.85 -8.95 18.90
CA MET B 45 -5.29 -10.12 19.56
C MET B 45 -3.79 -9.98 19.83
N LEU B 46 -3.13 -9.01 19.21
CA LEU B 46 -1.70 -8.78 19.36
C LEU B 46 -1.44 -7.76 20.46
N PRO B 47 -0.24 -7.77 21.04
CA PRO B 47 0.10 -6.76 22.06
C PRO B 47 0.01 -5.35 21.49
N GLN B 48 -0.62 -4.47 22.25
CA GLN B 48 -0.85 -3.09 21.83
C GLN B 48 0.43 -2.27 21.96
N THR B 49 1.45 -2.68 21.19
CA THR B 49 2.74 -2.01 21.22
C THR B 49 2.69 -0.63 20.55
N SER B 50 1.62 -0.30 19.83
CA SER B 50 1.46 1.00 19.20
C SER B 50 0.55 1.93 19.98
N GLU B 51 0.00 1.48 21.11
CA GLU B 51 -0.91 2.28 21.91
C GLU B 51 -0.37 2.64 23.27
N TYR B 52 0.57 1.87 23.81
CA TYR B 52 1.16 2.12 25.12
C TYR B 52 2.67 2.01 25.03
N PRO B 53 3.40 2.68 25.92
CA PRO B 53 4.85 2.48 25.97
C PRO B 53 5.19 1.03 26.32
N LEU B 54 6.27 0.54 25.71
CA LEU B 54 6.64 -0.86 25.91
C LEU B 54 7.05 -1.14 27.34
N LYS B 55 7.65 -0.15 28.02
CA LYS B 55 7.97 -0.31 29.43
C LYS B 55 6.71 -0.48 30.26
N ASP B 56 5.64 0.26 29.91
CA ASP B 56 4.38 0.15 30.63
C ASP B 56 3.65 -1.15 30.33
N ILE B 57 3.96 -1.80 29.21
CA ILE B 57 3.36 -3.09 28.91
C ILE B 57 4.04 -4.20 29.72
N GLN B 58 5.36 -4.13 29.85
CA GLN B 58 6.08 -5.15 30.63
C GLN B 58 5.71 -5.06 32.11
N LEU B 59 5.66 -3.84 32.66
CA LEU B 59 5.31 -3.68 34.06
C LEU B 59 3.91 -4.22 34.36
N LEU B 60 2.99 -4.11 33.40
CA LEU B 60 1.69 -4.74 33.56
C LEU B 60 1.80 -6.25 33.57
N TYR B 61 2.76 -6.80 32.82
CA TYR B 61 2.95 -8.25 32.80
C TYR B 61 3.67 -8.75 34.04
N LYS B 62 4.55 -7.93 34.62
CA LYS B 62 5.23 -8.32 35.85
C LYS B 62 4.26 -8.38 37.02
N LEU B 63 3.30 -7.46 37.07
CA LEU B 63 2.35 -7.43 38.18
C LEU B 63 1.33 -8.56 38.07
N ALA B 64 1.00 -8.99 36.86
CA ALA B 64 0.02 -10.06 36.69
C ALA B 64 0.52 -11.38 37.27
N GLN B 65 1.83 -11.61 37.27
CA GLN B 65 2.39 -12.81 37.85
C GLN B 65 2.47 -12.68 39.37
N SER B 66 3.43 -11.90 39.86
CA SER B 66 3.53 -11.60 41.28
C SER B 66 2.56 -10.47 41.60
N CYS B 67 1.46 -10.81 42.27
CA CYS B 67 0.37 -9.86 42.53
C CYS B 67 0.70 -8.91 43.67
N THR B 68 1.83 -8.24 43.60
CA THR B 68 2.20 -7.27 44.63
C THR B 68 2.55 -5.92 44.01
N GLY B 69 3.75 -5.80 43.46
CA GLY B 69 4.19 -4.58 42.82
C GLY B 69 4.38 -3.42 43.79
N SER B 74 0.53 4.84 35.64
CA SER B 74 0.30 6.29 35.44
C SER B 74 -1.08 6.51 34.82
N PRO B 75 -1.31 7.65 34.14
CA PRO B 75 -2.61 7.97 33.57
C PRO B 75 -2.93 7.29 32.23
N LEU B 76 -1.90 6.94 31.45
CA LEU B 76 -2.22 6.23 30.21
C LEU B 76 -2.63 4.78 30.45
N ILE B 77 -2.58 4.28 31.68
CA ILE B 77 -2.83 2.88 31.99
C ILE B 77 -3.87 2.84 33.11
N THR B 78 -4.63 3.92 33.27
CA THR B 78 -5.57 4.02 34.38
C THR B 78 -6.59 2.88 34.36
N GLU B 79 -7.15 2.58 33.19
CA GLU B 79 -8.18 1.56 33.10
C GLU B 79 -7.61 0.15 33.19
N PRO B 80 -6.58 -0.22 32.41
CA PRO B 80 -6.02 -1.58 32.56
C PRO B 80 -5.35 -1.83 33.89
N LEU B 81 -4.87 -0.79 34.58
CA LEU B 81 -4.31 -1.01 35.91
C LEU B 81 -5.39 -1.39 36.91
N VAL B 82 -6.61 -0.89 36.71
CA VAL B 82 -7.72 -1.31 37.57
C VAL B 82 -8.06 -2.78 37.34
N PHE B 83 -7.99 -3.23 36.08
CA PHE B 83 -8.30 -4.62 35.78
C PHE B 83 -7.27 -5.56 36.39
N THR B 84 -5.98 -5.22 36.31
CA THR B 84 -4.94 -6.11 36.81
C THR B 84 -5.02 -6.27 38.33
N ARG B 85 -5.28 -5.17 39.04
CA ARG B 85 -5.41 -5.26 40.50
C ARG B 85 -6.73 -5.89 40.90
N SER B 86 -7.78 -5.72 40.10
CA SER B 86 -9.04 -6.42 40.38
C SER B 86 -8.87 -7.92 40.17
N LEU B 87 -8.07 -8.32 39.18
CA LEU B 87 -7.77 -9.74 38.99
C LEU B 87 -6.96 -10.30 40.15
N CYS B 88 -6.04 -9.50 40.69
CA CYS B 88 -5.21 -9.96 41.80
C CYS B 88 -5.99 -9.99 43.11
N LYS B 89 -6.75 -8.93 43.39
CA LYS B 89 -7.51 -8.82 44.63
C LYS B 89 -8.86 -9.53 44.56
N GLY B 90 -9.10 -10.33 43.53
CA GLY B 90 -10.29 -11.16 43.47
C GLY B 90 -11.60 -10.41 43.34
N SER B 91 -11.53 -9.11 43.07
CA SER B 91 -12.73 -8.29 42.91
C SER B 91 -13.44 -8.72 41.63
N SER B 92 -14.48 -9.55 41.79
CA SER B 92 -15.23 -10.05 40.64
C SER B 92 -15.93 -8.90 39.92
N LEU B 93 -15.59 -8.71 38.65
CA LEU B 93 -16.12 -7.61 37.87
C LEU B 93 -17.45 -7.99 37.22
N SER B 94 -18.25 -6.94 36.94
CA SER B 94 -19.59 -6.97 36.37
C SER B 94 -19.54 -6.80 34.86
N PRO B 95 -20.55 -7.30 34.13
CA PRO B 95 -20.57 -7.09 32.67
C PRO B 95 -20.73 -5.64 32.26
N ARG B 96 -21.35 -4.82 33.12
CA ARG B 96 -21.46 -3.39 32.80
C ARG B 96 -20.09 -2.73 32.78
N TRP B 97 -19.15 -3.25 33.57
CA TRP B 97 -17.79 -2.73 33.53
C TRP B 97 -17.09 -3.11 32.23
N PHE B 98 -17.36 -4.31 31.71
CA PHE B 98 -16.79 -4.73 30.43
C PHE B 98 -17.35 -3.91 29.28
N ALA B 99 -18.68 -3.71 29.26
CA ALA B 99 -19.30 -2.91 28.20
C ALA B 99 -18.90 -1.45 28.28
N ARG B 100 -18.36 -1.00 29.41
CA ARG B 100 -17.94 0.38 29.57
C ARG B 100 -16.44 0.57 29.41
N SER B 101 -15.65 -0.49 29.57
CA SER B 101 -14.20 -0.39 29.45
C SER B 101 -13.79 -0.44 27.98
N GLY B 102 -12.47 -0.36 27.75
CA GLY B 102 -11.92 -0.44 26.41
C GLY B 102 -11.85 -1.83 25.83
N LEU B 103 -12.35 -2.84 26.55
CA LEU B 103 -12.42 -4.22 26.07
C LEU B 103 -11.04 -4.83 25.84
N ILE B 104 -10.20 -4.17 25.04
CA ILE B 104 -8.92 -4.74 24.64
C ILE B 104 -7.90 -4.55 25.75
N HIS B 105 -7.18 -5.63 26.09
CA HIS B 105 -6.10 -5.59 27.06
C HIS B 105 -4.80 -5.16 26.37
N PRO B 106 -3.96 -4.37 27.05
CA PRO B 106 -2.73 -3.89 26.39
C PRO B 106 -1.80 -5.00 25.93
N GLY B 107 -1.85 -6.18 26.53
CA GLY B 107 -0.99 -7.27 26.12
C GLY B 107 -1.62 -8.16 25.07
N GLY B 108 -2.67 -7.67 24.42
CA GLY B 108 -3.37 -8.47 23.43
C GLY B 108 -4.53 -9.23 24.03
N GLY B 109 -5.62 -9.36 23.26
CA GLY B 109 -6.80 -10.01 23.77
C GLY B 109 -7.73 -9.03 24.47
N THR B 110 -8.70 -9.60 25.17
CA THR B 110 -9.72 -8.83 25.86
C THR B 110 -9.63 -9.04 27.36
N TYR B 111 -10.19 -8.08 28.11
CA TYR B 111 -10.27 -8.23 29.56
C TYR B 111 -11.19 -9.39 29.92
N ALA B 112 -12.28 -9.57 29.18
CA ALA B 112 -13.26 -10.60 29.50
C ALA B 112 -12.72 -12.01 29.26
N PHE B 113 -11.71 -12.16 28.39
CA PHE B 113 -11.13 -13.48 28.18
C PHE B 113 -10.14 -13.85 29.27
N ARG B 114 -9.33 -12.88 29.71
CA ARG B 114 -8.41 -13.13 30.83
C ARG B 114 -9.19 -13.28 32.13
N TYR B 115 -10.26 -12.50 32.29
CA TYR B 115 -11.07 -12.60 33.50
C TYR B 115 -11.86 -13.90 33.55
N ALA B 116 -12.16 -14.49 32.39
CA ALA B 116 -12.87 -15.76 32.33
C ALA B 116 -11.96 -16.97 32.43
N GLU B 117 -10.64 -16.79 32.27
CA GLU B 117 -9.72 -17.90 32.45
C GLU B 117 -9.45 -18.18 33.92
N LYS B 118 -9.47 -17.14 34.77
CA LYS B 118 -9.38 -17.37 36.21
C LYS B 118 -10.71 -17.81 36.78
N TYR B 119 -11.82 -17.29 36.24
CA TYR B 119 -13.18 -17.65 36.66
C TYR B 119 -13.89 -18.29 35.47
N PRO B 120 -13.70 -19.60 35.27
CA PRO B 120 -14.33 -20.25 34.09
C PRO B 120 -15.82 -20.49 34.26
N ALA B 121 -16.42 -19.92 35.30
CA ALA B 121 -17.85 -20.08 35.54
C ALA B 121 -18.68 -19.09 34.73
N GLN B 122 -18.27 -17.82 34.73
CA GLN B 122 -18.97 -16.78 33.99
C GLN B 122 -18.49 -16.65 32.55
N PHE B 123 -17.85 -17.70 32.02
CA PHE B 123 -17.31 -17.63 30.66
C PHE B 123 -18.42 -17.47 29.62
N ALA B 124 -19.52 -18.21 29.79
CA ALA B 124 -20.60 -18.13 28.81
C ALA B 124 -21.34 -16.80 28.87
N ASN B 125 -21.35 -16.16 30.04
CA ASN B 125 -22.03 -14.88 30.22
C ASN B 125 -21.16 -13.69 29.85
N LEU B 126 -19.93 -13.91 29.39
CA LEU B 126 -19.03 -12.83 29.02
C LEU B 126 -18.56 -12.94 27.57
N LEU B 127 -19.12 -13.86 26.79
CA LEU B 127 -18.76 -13.97 25.38
C LEU B 127 -19.01 -12.69 24.58
N PRO B 128 -20.14 -11.96 24.75
CA PRO B 128 -20.32 -10.73 23.97
C PRO B 128 -19.26 -9.66 24.19
N TYR B 129 -18.38 -9.83 25.17
CA TYR B 129 -17.31 -8.86 25.43
C TYR B 129 -15.93 -9.43 25.10
N MET B 130 -15.87 -10.54 24.38
CA MET B 130 -14.62 -11.18 24.01
C MET B 130 -14.41 -11.09 22.49
N HIS B 131 -13.15 -11.21 22.08
CA HIS B 131 -12.83 -11.19 20.67
C HIS B 131 -13.34 -12.45 19.99
N ILE B 132 -13.66 -12.33 18.70
CA ILE B 132 -14.21 -13.47 17.97
C ILE B 132 -13.18 -14.59 17.85
N GLN B 133 -11.89 -14.26 17.88
CA GLN B 133 -10.84 -15.27 17.84
C GLN B 133 -10.69 -16.00 19.16
N GLU B 134 -11.16 -15.40 20.26
CA GLU B 134 -11.11 -16.06 21.57
C GLU B 134 -12.34 -16.90 21.85
N ARG B 135 -13.46 -16.65 21.18
CA ARG B 135 -14.64 -17.48 21.35
C ARG B 135 -14.44 -18.82 20.64
N PRO B 136 -15.13 -19.87 21.08
CA PRO B 136 -15.03 -21.16 20.41
C PRO B 136 -15.51 -21.08 18.97
N ASN B 137 -15.01 -22.00 18.15
CA ASN B 137 -15.33 -22.01 16.73
C ASN B 137 -16.80 -22.35 16.53
N ALA B 138 -17.54 -21.44 15.89
CA ALA B 138 -18.96 -21.66 15.64
C ALA B 138 -19.17 -22.62 14.49
N ALA B 139 -20.39 -23.13 14.39
CA ALA B 139 -20.75 -24.07 13.33
C ALA B 139 -20.98 -23.34 12.01
N GLU B 140 -20.86 -24.09 10.92
CA GLU B 140 -21.02 -23.51 9.59
C GLU B 140 -22.44 -22.97 9.41
N GLY B 141 -22.53 -21.87 8.66
CA GLY B 141 -23.79 -21.20 8.41
C GLY B 141 -24.10 -20.06 9.34
N THR B 142 -23.49 -20.02 10.53
CA THR B 142 -23.75 -18.96 11.49
C THR B 142 -22.94 -17.72 11.14
N LEU B 143 -23.37 -16.60 11.72
CA LEU B 143 -22.67 -15.33 11.48
C LEU B 143 -21.27 -15.35 12.07
N LEU B 144 -21.12 -15.89 13.29
CA LEU B 144 -19.81 -15.95 13.93
C LEU B 144 -18.84 -16.81 13.14
N TYR B 145 -19.33 -17.84 12.45
CA TYR B 145 -18.47 -18.67 11.62
C TYR B 145 -17.87 -17.87 10.47
N HIS B 146 -18.69 -17.05 9.81
CA HIS B 146 -18.18 -16.23 8.72
C HIS B 146 -17.21 -15.17 9.23
N LEU B 147 -17.51 -14.57 10.38
CA LEU B 147 -16.63 -13.54 10.93
C LEU B 147 -15.28 -14.12 11.34
N GLN B 148 -15.28 -15.32 11.91
CA GLN B 148 -14.04 -15.93 12.36
C GLN B 148 -13.16 -16.40 11.21
N ASN B 149 -13.69 -16.50 10.00
CA ASN B 149 -12.93 -16.89 8.82
C ASN B 149 -12.62 -15.73 7.90
N MET B 150 -12.88 -14.50 8.34
CA MET B 150 -12.56 -13.31 7.55
C MET B 150 -11.11 -12.90 7.78
N GLY B 151 -10.41 -12.61 6.70
CA GLY B 151 -9.08 -12.04 6.80
C GLY B 151 -9.12 -10.60 7.26
N GLU B 152 -7.93 -10.02 7.39
CA GLU B 152 -7.82 -8.64 7.87
C GLU B 152 -8.49 -7.68 6.90
N ASP B 153 -8.40 -7.95 5.59
CA ASP B 153 -9.02 -7.07 4.61
C ASP B 153 -10.53 -7.18 4.63
N ALA B 154 -11.06 -8.41 4.79
CA ALA B 154 -12.51 -8.58 4.83
C ALA B 154 -13.11 -7.93 6.07
N ILE B 155 -12.41 -7.99 7.20
CA ILE B 155 -12.89 -7.36 8.43
C ILE B 155 -13.01 -5.86 8.23
N ASN B 156 -11.94 -5.23 7.72
CA ASN B 156 -11.95 -3.78 7.54
C ASN B 156 -13.01 -3.36 6.53
N ALA B 157 -13.22 -4.16 5.48
CA ALA B 157 -14.25 -3.83 4.51
C ALA B 157 -15.64 -3.90 5.13
N LEU B 158 -15.88 -4.89 5.99
CA LEU B 158 -17.18 -5.01 6.65
C LEU B 158 -17.40 -3.85 7.62
N VAL B 159 -16.39 -3.54 8.44
CA VAL B 159 -16.54 -2.46 9.41
C VAL B 159 -16.75 -1.13 8.71
N SER B 160 -16.06 -0.93 7.58
CA SER B 160 -16.23 0.30 6.81
C SER B 160 -17.52 0.34 6.03
N GLY B 161 -18.28 -0.75 5.99
CA GLY B 161 -19.53 -0.78 5.24
C GLY B 161 -19.31 -0.63 3.76
N ALA B 162 -18.38 -1.40 3.21
CA ALA B 162 -18.08 -1.32 1.79
C ALA B 162 -19.25 -1.83 0.97
N SER B 163 -19.30 -1.38 -0.30
CA SER B 163 -20.34 -1.82 -1.20
C SER B 163 -20.25 -3.31 -1.49
N MET B 164 -19.06 -3.91 -1.33
CA MET B 164 -18.87 -5.33 -1.56
C MET B 164 -17.50 -5.72 -1.01
N PHE B 165 -17.35 -7.02 -0.74
CA PHE B 165 -16.06 -7.60 -0.39
C PHE B 165 -16.18 -9.11 -0.47
N GLY B 166 -15.03 -9.76 -0.61
CA GLY B 166 -14.96 -11.21 -0.71
C GLY B 166 -14.28 -11.81 0.51
N SER B 167 -14.84 -12.92 0.99
CA SER B 167 -14.28 -13.63 2.15
C SER B 167 -14.49 -15.12 1.92
N GLY B 168 -13.39 -15.85 1.74
CA GLY B 168 -13.47 -17.27 1.47
C GLY B 168 -14.21 -17.61 0.19
N SER B 169 -15.31 -18.34 0.33
CA SER B 169 -16.12 -18.76 -0.81
C SER B 169 -17.43 -17.97 -0.91
N ASP B 170 -17.49 -16.79 -0.31
CA ASP B 170 -18.70 -15.98 -0.29
C ASP B 170 -18.42 -14.58 -0.83
N LEU B 171 -19.38 -14.04 -1.56
CA LEU B 171 -19.34 -12.66 -2.03
C LEU B 171 -20.39 -11.86 -1.25
N TRP B 172 -19.92 -10.86 -0.51
CA TRP B 172 -20.81 -10.00 0.28
C TRP B 172 -21.17 -8.77 -0.54
N LEU B 173 -22.46 -8.55 -0.75
CA LEU B 173 -22.97 -7.40 -1.49
C LEU B 173 -23.86 -6.58 -0.58
N ARG B 174 -23.60 -5.27 -0.51
CA ARG B 174 -24.37 -4.37 0.34
C ARG B 174 -25.47 -3.70 -0.47
N LYS B 175 -26.70 -3.77 0.04
CA LYS B 175 -27.84 -3.04 -0.52
C LYS B 175 -28.51 -2.35 0.66
N GLY B 176 -28.07 -1.12 0.95
CA GLY B 176 -28.60 -0.39 2.08
C GLY B 176 -27.98 -0.83 3.40
N ASP B 177 -28.79 -1.45 4.27
CA ASP B 177 -28.34 -1.90 5.57
C ASP B 177 -28.20 -3.41 5.66
N ILE B 178 -28.34 -4.12 4.54
CA ILE B 178 -28.32 -5.58 4.53
C ILE B 178 -27.18 -6.04 3.62
N TYR B 179 -26.37 -6.97 4.12
CA TYR B 179 -25.36 -7.65 3.33
C TYR B 179 -25.92 -8.97 2.83
N TYR B 180 -25.84 -9.19 1.51
CA TYR B 180 -26.31 -10.41 0.88
C TYR B 180 -25.13 -11.23 0.43
N LEU B 181 -25.11 -12.50 0.80
CA LEU B 181 -24.01 -13.41 0.49
C LEU B 181 -24.36 -14.26 -0.72
N PHE B 182 -23.41 -14.37 -1.65
CA PHE B 182 -23.57 -15.18 -2.84
C PHE B 182 -22.38 -16.13 -2.98
N ASN B 183 -22.60 -17.22 -3.70
CA ASN B 183 -21.60 -18.25 -3.83
C ASN B 183 -20.51 -17.84 -4.82
N GLU B 184 -19.45 -18.65 -4.86
CA GLU B 184 -18.31 -18.35 -5.74
C GLU B 184 -18.71 -18.45 -7.20
N GLU B 185 -19.54 -19.43 -7.54
CA GLU B 185 -19.95 -19.60 -8.94
C GLU B 185 -20.81 -18.44 -9.42
N THR B 186 -21.72 -17.96 -8.56
CA THR B 186 -22.54 -16.81 -8.93
C THR B 186 -21.68 -15.56 -9.11
N TRP B 187 -20.70 -15.38 -8.24
CA TRP B 187 -19.78 -14.25 -8.37
C TRP B 187 -19.03 -14.32 -9.69
N LEU B 188 -18.45 -15.48 -10.00
CA LEU B 188 -17.64 -15.60 -11.21
C LEU B 188 -18.50 -15.54 -12.47
N THR B 189 -19.75 -15.98 -12.40
CA THR B 189 -20.61 -15.96 -13.57
C THR B 189 -21.04 -14.54 -13.93
N ASN B 190 -21.49 -13.77 -12.93
CA ASN B 190 -21.96 -12.42 -13.19
C ASN B 190 -20.81 -11.49 -13.58
N ALA B 191 -19.61 -11.73 -13.07
CA ALA B 191 -18.46 -10.94 -13.48
C ALA B 191 -18.12 -11.18 -14.94
N ASN B 192 -18.24 -12.42 -15.39
CA ASN B 192 -17.98 -12.73 -16.79
C ASN B 192 -19.04 -12.13 -17.70
N LYS B 193 -20.31 -12.12 -17.24
CA LYS B 193 -21.37 -11.50 -18.03
C LYS B 193 -21.13 -10.01 -18.21
N ALA B 194 -20.66 -9.33 -17.16
CA ALA B 194 -20.39 -7.90 -17.23
C ALA B 194 -19.03 -7.57 -17.84
N GLY B 195 -18.30 -8.57 -18.31
CA GLY B 195 -16.99 -8.33 -18.90
C GLY B 195 -15.98 -7.83 -17.89
N LEU B 196 -15.93 -8.46 -16.73
CA LEU B 196 -15.08 -8.03 -15.64
C LEU B 196 -14.14 -9.15 -15.21
N SER B 197 -12.94 -8.76 -14.80
CA SER B 197 -12.00 -9.63 -14.12
C SER B 197 -11.69 -9.02 -12.76
N TYR B 198 -11.52 -9.88 -11.76
CA TYR B 198 -11.33 -9.40 -10.40
C TYR B 198 -10.24 -10.21 -9.70
N SER B 199 -9.78 -9.68 -8.57
CA SER B 199 -8.81 -10.34 -7.71
C SER B 199 -8.89 -9.70 -6.35
N LEU B 200 -8.55 -10.47 -5.32
CA LEU B 200 -8.56 -9.97 -3.96
C LEU B 200 -7.28 -9.18 -3.68
N LEU B 201 -7.40 -8.18 -2.80
CA LEU B 201 -6.22 -7.45 -2.35
C LEU B 201 -5.23 -8.43 -1.72
N SER B 202 -4.02 -8.46 -2.26
CA SER B 202 -3.02 -9.43 -1.86
C SER B 202 -1.70 -8.72 -1.55
N ALA B 203 -0.94 -9.33 -0.64
CA ALA B 203 0.40 -8.85 -0.30
C ALA B 203 1.50 -9.59 -1.04
N ASP B 204 1.13 -10.30 -2.12
CA ASP B 204 2.13 -10.99 -2.92
C ASP B 204 2.99 -10.03 -3.73
N ASN B 205 2.48 -8.83 -4.01
CA ASN B 205 3.25 -7.79 -4.68
C ASN B 205 3.84 -6.78 -3.71
N THR B 206 3.42 -6.80 -2.45
CA THR B 206 3.97 -5.88 -1.45
C THR B 206 5.43 -6.19 -1.20
N CYS B 207 6.27 -5.17 -1.26
CA CYS B 207 7.71 -5.32 -1.11
C CYS B 207 8.08 -5.25 0.37
N PHE B 208 8.66 -6.33 0.88
CA PHE B 208 9.02 -6.44 2.29
C PHE B 208 10.50 -6.21 2.55
N ILE B 209 11.30 -6.02 1.50
CA ILE B 209 12.71 -5.65 1.64
C ILE B 209 12.85 -4.19 1.25
N GLN B 210 12.47 -3.29 2.14
CA GLN B 210 12.32 -1.88 1.84
C GLN B 210 13.24 -1.05 2.73
N ARG B 211 14.05 -0.19 2.11
CA ARG B 211 14.87 0.78 2.80
C ARG B 211 14.50 2.16 2.26
N GLY B 212 13.78 2.94 3.06
CA GLY B 212 13.27 4.21 2.56
C GLY B 212 12.23 3.96 1.50
N ASN B 213 12.43 4.56 0.32
CA ASN B 213 11.57 4.32 -0.83
C ASN B 213 12.21 3.39 -1.84
N ILE B 214 13.23 2.63 -1.43
CA ILE B 214 13.97 1.72 -2.31
C ILE B 214 13.59 0.30 -1.93
N CYS B 215 13.09 -0.46 -2.90
CA CYS B 215 12.80 -1.88 -2.72
C CYS B 215 13.94 -2.69 -3.33
N TRP B 216 14.58 -3.51 -2.51
CA TRP B 216 15.75 -4.28 -2.91
C TRP B 216 15.35 -5.70 -3.28
N ASP B 217 16.11 -6.28 -4.22
CA ASP B 217 15.88 -7.63 -4.68
C ASP B 217 17.20 -8.20 -5.18
N VAL B 218 17.30 -9.53 -5.16
CA VAL B 218 18.51 -10.21 -5.61
C VAL B 218 18.54 -10.22 -7.14
N GLU B 219 19.61 -9.68 -7.71
CA GLU B 219 19.76 -9.69 -9.16
C GLU B 219 19.92 -11.12 -9.67
N ASP B 220 19.14 -11.47 -10.69
CA ASP B 220 19.19 -12.82 -11.25
C ASP B 220 20.06 -12.84 -12.50
N ASP C 4 -28.49 6.55 5.15
CA ASP C 4 -27.57 6.88 4.07
C ASP C 4 -26.20 6.27 4.29
N SER C 5 -25.93 5.18 3.57
CA SER C 5 -24.66 4.48 3.72
C SER C 5 -23.54 5.26 3.05
N LEU C 6 -22.30 4.84 3.33
CA LEU C 6 -21.14 5.49 2.73
C LEU C 6 -21.11 5.36 1.21
N PRO C 7 -21.38 4.19 0.60
CA PRO C 7 -21.54 4.18 -0.86
C PRO C 7 -22.69 5.03 -1.36
N GLU C 8 -23.80 5.07 -0.61
CA GLU C 8 -24.92 5.92 -1.00
C GLU C 8 -24.57 7.40 -0.90
N ARG C 9 -23.77 7.77 0.10
CA ARG C 9 -23.35 9.17 0.23
C ARG C 9 -22.43 9.58 -0.90
N ILE C 10 -21.61 8.65 -1.41
CA ILE C 10 -20.79 8.95 -2.58
C ILE C 10 -21.66 9.19 -3.81
N ASP C 11 -22.72 8.39 -3.96
CA ASP C 11 -23.66 8.61 -5.06
C ASP C 11 -24.37 9.94 -4.92
N LEU C 12 -24.77 10.31 -3.69
CA LEU C 12 -25.36 11.61 -3.46
C LEU C 12 -24.37 12.73 -3.78
N PHE C 13 -23.10 12.54 -3.42
CA PHE C 13 -22.07 13.52 -3.73
C PHE C 13 -21.96 13.75 -5.23
N VAL C 14 -21.94 12.68 -6.02
CA VAL C 14 -21.82 12.81 -7.46
C VAL C 14 -23.08 13.45 -8.05
N SER C 15 -24.25 13.07 -7.54
CA SER C 15 -25.51 13.57 -8.09
C SER C 15 -25.66 15.08 -7.91
N LEU C 16 -24.88 15.69 -7.04
CA LEU C 16 -24.95 17.13 -6.83
C LEU C 16 -24.24 17.93 -7.91
N PHE C 17 -23.41 17.30 -8.73
CA PHE C 17 -22.66 18.00 -9.76
C PHE C 17 -23.48 18.13 -11.03
N ASP C 18 -23.25 19.23 -11.75
CA ASP C 18 -23.86 19.50 -13.05
C ASP C 18 -22.75 19.45 -14.09
N TYR C 19 -22.77 18.42 -14.94
CA TYR C 19 -21.68 18.22 -15.90
C TYR C 19 -21.60 19.35 -16.92
N ASN C 20 -22.73 20.00 -17.22
CA ASN C 20 -22.71 21.11 -18.17
C ASN C 20 -22.06 22.35 -17.58
N SER C 21 -21.93 22.43 -16.26
CA SER C 21 -21.27 23.56 -15.60
C SER C 21 -19.82 23.26 -15.26
N ALA C 22 -19.22 22.25 -15.88
CA ALA C 22 -17.85 21.88 -15.58
C ALA C 22 -16.87 22.91 -16.13
N THR C 23 -15.73 23.04 -15.45
CA THR C 23 -14.68 23.94 -15.92
C THR C 23 -14.22 23.56 -17.32
N THR C 24 -13.83 22.29 -17.50
CA THR C 24 -13.47 21.77 -18.81
C THR C 24 -13.75 20.28 -18.81
N SER C 25 -13.66 19.67 -19.99
CA SER C 25 -13.89 18.24 -20.13
C SER C 25 -12.94 17.67 -21.18
N TYR C 26 -12.61 16.40 -21.03
CA TYR C 26 -11.72 15.71 -21.95
C TYR C 26 -12.28 14.34 -22.27
N ASP C 27 -12.17 13.96 -23.55
CA ASP C 27 -12.58 12.63 -23.98
C ASP C 27 -11.46 11.63 -23.67
N ILE C 28 -11.83 10.53 -23.00
CA ILE C 28 -10.84 9.53 -22.62
C ILE C 28 -10.18 8.91 -23.86
N ARG C 29 -10.99 8.64 -24.88
CA ARG C 29 -10.46 8.03 -26.11
C ARG C 29 -9.43 8.94 -26.78
N SER C 30 -9.64 10.26 -26.71
CA SER C 30 -8.67 11.19 -27.28
C SER C 30 -7.37 11.17 -26.48
N ILE C 31 -7.46 11.04 -25.16
CA ILE C 31 -6.27 10.97 -24.33
C ILE C 31 -5.50 9.67 -24.59
N GLN C 32 -6.22 8.55 -24.65
CA GLN C 32 -5.56 7.27 -24.92
C GLN C 32 -4.94 7.23 -26.30
N THR C 33 -5.49 7.97 -27.26
CA THR C 33 -4.92 7.98 -28.61
C THR C 33 -3.67 8.85 -28.69
N ASP C 34 -3.68 10.01 -28.03
CA ASP C 34 -2.59 10.97 -28.13
C ASP C 34 -1.44 10.67 -27.18
N PHE C 35 -1.71 10.09 -26.02
CA PHE C 35 -0.67 9.83 -25.01
C PHE C 35 -0.59 8.35 -24.68
N PRO C 36 0.40 7.63 -25.22
CA PRO C 36 0.63 6.27 -24.76
C PRO C 36 0.92 6.26 -23.26
N THR C 37 0.50 5.17 -22.60
CA THR C 37 0.60 5.11 -21.14
C THR C 37 2.04 5.25 -20.68
N ARG C 38 2.99 4.68 -21.43
CA ARG C 38 4.40 4.79 -21.08
C ARG C 38 4.88 6.23 -21.05
N LEU C 39 4.24 7.12 -21.80
CA LEU C 39 4.62 8.52 -21.82
C LEU C 39 3.94 9.34 -20.74
N LEU C 40 3.06 8.73 -19.94
CA LEU C 40 2.37 9.39 -18.84
C LEU C 40 2.87 8.95 -17.47
N THR C 41 3.19 7.67 -17.31
CA THR C 41 3.58 7.17 -15.99
C THR C 41 4.90 7.77 -15.56
N PRO C 42 5.00 8.29 -14.33
CA PRO C 42 6.25 8.95 -13.90
C PRO C 42 7.45 8.03 -13.85
N ASP C 43 7.26 6.75 -13.55
CA ASP C 43 8.39 5.84 -13.44
C ASP C 43 9.11 5.60 -14.76
N SER C 44 8.51 6.01 -15.88
CA SER C 44 9.21 5.94 -17.16
C SER C 44 10.42 6.87 -17.21
N MET C 45 10.45 7.89 -16.36
CA MET C 45 11.57 8.82 -16.33
C MET C 45 12.77 8.27 -15.57
N LEU C 46 12.56 7.28 -14.69
CA LEU C 46 13.59 6.68 -13.87
C LEU C 46 14.33 5.60 -14.63
N PRO C 47 15.56 5.27 -14.22
CA PRO C 47 16.27 4.14 -14.84
C PRO C 47 15.46 2.86 -14.70
N GLN C 48 15.36 2.11 -15.80
CA GLN C 48 14.54 0.90 -15.85
C GLN C 48 15.29 -0.27 -15.19
N THR C 49 15.57 -0.11 -13.90
CA THR C 49 16.32 -1.10 -13.15
C THR C 49 15.50 -2.36 -12.85
N SER C 50 14.18 -2.27 -12.90
CA SER C 50 13.33 -3.43 -12.66
C SER C 50 12.98 -4.19 -13.94
N GLU C 51 13.36 -3.68 -15.11
CA GLU C 51 13.10 -4.34 -16.37
C GLU C 51 14.35 -4.88 -17.07
N TYR C 52 15.52 -4.35 -16.73
CA TYR C 52 16.77 -4.79 -17.33
C TYR C 52 17.77 -5.17 -16.24
N PRO C 53 18.69 -6.07 -16.53
CA PRO C 53 19.83 -6.28 -15.62
C PRO C 53 20.66 -5.00 -15.51
N LEU C 54 21.14 -4.73 -14.29
CA LEU C 54 21.88 -3.49 -14.07
C LEU C 54 23.14 -3.41 -14.92
N LYS C 55 23.76 -4.56 -15.22
CA LYS C 55 24.95 -4.54 -16.06
C LYS C 55 24.64 -4.08 -17.48
N ASP C 56 23.44 -4.39 -17.99
CA ASP C 56 23.07 -3.93 -19.32
C ASP C 56 22.85 -2.43 -19.37
N ILE C 57 22.33 -1.85 -18.28
CA ILE C 57 22.16 -0.40 -18.24
C ILE C 57 23.50 0.30 -18.22
N GLN C 58 24.48 -0.26 -17.52
CA GLN C 58 25.81 0.34 -17.50
C GLN C 58 26.53 0.14 -18.82
N LEU C 59 26.35 -1.03 -19.45
CA LEU C 59 26.97 -1.28 -20.75
C LEU C 59 26.45 -0.31 -21.81
N LEU C 60 25.14 -0.02 -21.77
CA LEU C 60 24.57 0.94 -22.72
C LEU C 60 25.09 2.35 -22.46
N TYR C 61 25.29 2.70 -21.19
CA TYR C 61 25.76 4.04 -20.87
C TYR C 61 27.22 4.21 -21.24
N LYS C 62 28.06 3.20 -20.98
CA LYS C 62 29.47 3.30 -21.34
C LYS C 62 29.65 3.35 -22.85
N LEU C 63 28.78 2.69 -23.61
CA LEU C 63 28.86 2.77 -25.06
C LEU C 63 28.37 4.12 -25.57
N ALA C 64 27.41 4.74 -24.89
CA ALA C 64 26.90 6.02 -25.33
C ALA C 64 27.90 7.15 -25.11
N GLN C 65 28.77 7.01 -24.12
CA GLN C 65 29.76 8.04 -23.81
C GLN C 65 31.01 7.92 -24.66
N SER C 66 31.59 6.72 -24.74
CA SER C 66 32.83 6.54 -25.49
C SER C 66 32.59 6.30 -26.98
N CYS C 67 31.42 5.76 -27.33
CA CYS C 67 31.09 5.44 -28.72
C CYS C 67 32.10 4.47 -29.33
N THR C 68 32.59 3.53 -28.52
CA THR C 68 33.52 2.52 -28.99
C THR C 68 33.48 1.34 -28.02
N GLY C 69 34.14 0.25 -28.43
CA GLY C 69 34.20 -0.95 -27.62
C GLY C 69 33.27 -2.03 -28.13
N LYS C 70 33.35 -3.18 -27.45
CA LYS C 70 32.52 -4.32 -27.82
C LYS C 70 31.07 -4.02 -27.47
N LEU C 71 30.18 -4.26 -28.43
CA LEU C 71 28.77 -3.97 -28.23
C LEU C 71 28.13 -5.04 -27.34
N PRO C 72 27.24 -4.64 -26.42
CA PRO C 72 26.53 -5.63 -25.61
C PRO C 72 25.48 -6.35 -26.45
N LEU C 73 25.66 -7.66 -26.59
CA LEU C 73 24.85 -8.47 -27.51
C LEU C 73 23.74 -9.24 -26.81
N SER C 74 23.25 -8.73 -25.69
CA SER C 74 22.14 -9.39 -25.01
C SER C 74 20.86 -9.16 -25.80
N PRO C 75 20.05 -10.21 -26.05
CA PRO C 75 18.83 -10.02 -26.84
C PRO C 75 17.81 -9.09 -26.20
N LEU C 76 17.88 -8.89 -24.88
CA LEU C 76 16.90 -8.03 -24.22
C LEU C 76 17.12 -6.56 -24.57
N ILE C 77 18.36 -6.16 -24.85
CA ILE C 77 18.67 -4.76 -25.12
C ILE C 77 18.93 -4.55 -26.62
N THR C 78 18.27 -5.36 -27.46
CA THR C 78 18.45 -5.22 -28.90
C THR C 78 18.03 -3.85 -29.38
N GLU C 79 16.82 -3.42 -29.01
CA GLU C 79 16.31 -2.13 -29.47
C GLU C 79 17.15 -0.95 -28.95
N PRO C 80 17.48 -0.85 -27.66
CA PRO C 80 18.36 0.26 -27.25
C PRO C 80 19.77 0.15 -27.78
N LEU C 81 20.23 -1.03 -28.18
CA LEU C 81 21.55 -1.14 -28.79
C LEU C 81 21.59 -0.47 -30.15
N VAL C 82 20.53 -0.65 -30.95
CA VAL C 82 20.45 0.01 -32.25
C VAL C 82 20.37 1.53 -32.06
N PHE C 83 19.62 1.98 -31.06
CA PHE C 83 19.53 3.41 -30.78
C PHE C 83 20.88 3.97 -30.39
N THR C 84 21.58 3.30 -29.48
CA THR C 84 22.88 3.77 -29.01
C THR C 84 23.90 3.80 -30.14
N ARG C 85 23.90 2.79 -31.00
CA ARG C 85 24.82 2.76 -32.12
C ARG C 85 24.49 3.83 -33.15
N SER C 86 23.19 4.09 -33.36
CA SER C 86 22.79 5.09 -34.34
C SER C 86 23.15 6.50 -33.89
N LEU C 87 23.08 6.76 -32.58
CA LEU C 87 23.47 8.08 -32.06
C LEU C 87 24.96 8.31 -32.23
N CYS C 88 25.78 7.27 -32.04
CA CYS C 88 27.21 7.42 -32.19
C CYS C 88 27.61 7.58 -33.66
N LYS C 89 27.00 6.78 -34.55
CA LYS C 89 27.30 6.88 -35.97
C LYS C 89 26.70 8.11 -36.63
N GLY C 90 25.75 8.78 -35.97
CA GLY C 90 25.09 9.92 -36.58
C GLY C 90 23.97 9.55 -37.53
N SER C 91 23.50 8.32 -37.48
CA SER C 91 22.41 7.90 -38.34
C SER C 91 21.11 8.61 -37.97
N SER C 92 20.24 8.78 -38.96
CA SER C 92 18.97 9.46 -38.76
C SER C 92 17.90 8.47 -38.30
N LEU C 93 17.09 8.90 -37.33
CA LEU C 93 15.98 8.09 -36.83
C LEU C 93 14.69 8.82 -37.18
N SER C 94 13.94 8.27 -38.13
CA SER C 94 12.68 8.85 -38.54
C SER C 94 11.65 8.78 -37.41
N PRO C 95 10.60 9.59 -37.47
CA PRO C 95 9.53 9.46 -36.47
C PRO C 95 8.89 8.08 -36.46
N ARG C 96 8.92 7.36 -37.58
CA ARG C 96 8.36 6.01 -37.61
C ARG C 96 9.19 5.05 -36.77
N TRP C 97 10.51 5.28 -36.66
CA TRP C 97 11.33 4.44 -35.81
C TRP C 97 10.88 4.51 -34.36
N PHE C 98 10.57 5.71 -33.87
CA PHE C 98 10.11 5.87 -32.50
C PHE C 98 8.71 5.30 -32.32
N ALA C 99 7.85 5.47 -33.32
CA ALA C 99 6.49 4.93 -33.23
C ALA C 99 6.50 3.41 -33.16
N ARG C 100 7.50 2.77 -33.78
CA ARG C 100 7.62 1.32 -33.74
C ARG C 100 8.45 0.82 -32.56
N SER C 101 9.05 1.71 -31.80
CA SER C 101 9.90 1.31 -30.68
C SER C 101 9.08 1.25 -29.39
N GLY C 102 9.73 0.82 -28.31
CA GLY C 102 9.12 0.83 -27.00
C GLY C 102 9.14 2.18 -26.32
N LEU C 103 9.62 3.21 -27.02
CA LEU C 103 9.63 4.60 -26.57
C LEU C 103 10.61 4.85 -25.42
N ILE C 104 10.56 4.02 -24.38
CA ILE C 104 11.31 4.28 -23.16
C ILE C 104 12.73 3.73 -23.29
N HIS C 105 13.71 4.55 -22.92
CA HIS C 105 15.12 4.17 -22.87
C HIS C 105 15.43 3.49 -21.54
N PRO C 106 16.29 2.46 -21.55
CA PRO C 106 16.56 1.73 -20.30
C PRO C 106 17.15 2.60 -19.20
N GLY C 107 17.87 3.66 -19.54
CA GLY C 107 18.42 4.57 -18.55
C GLY C 107 17.46 5.62 -18.05
N GLY C 108 16.19 5.56 -18.44
CA GLY C 108 15.23 6.56 -18.03
C GLY C 108 14.94 7.57 -19.14
N GLY C 109 13.69 7.99 -19.26
CA GLY C 109 13.30 8.88 -20.32
C GLY C 109 12.99 8.13 -21.60
N THR C 110 12.90 8.89 -22.69
CA THR C 110 12.51 8.36 -23.98
C THR C 110 13.67 8.44 -24.97
N TYR C 111 13.59 7.60 -26.01
CA TYR C 111 14.55 7.69 -27.10
C TYR C 111 14.44 9.03 -27.83
N ALA C 112 13.21 9.52 -28.00
CA ALA C 112 12.99 10.74 -28.76
C ALA C 112 13.64 11.95 -28.10
N PHE C 113 13.57 12.02 -26.77
CA PHE C 113 14.18 13.14 -26.05
C PHE C 113 15.70 13.12 -26.19
N ARG C 114 16.31 11.96 -25.95
CA ARG C 114 17.76 11.85 -26.09
C ARG C 114 18.20 12.13 -27.52
N TYR C 115 17.41 11.68 -28.50
CA TYR C 115 17.73 11.96 -29.90
C TYR C 115 17.62 13.44 -30.21
N ALA C 116 16.60 14.12 -29.66
CA ALA C 116 16.41 15.53 -29.93
C ALA C 116 17.42 16.41 -29.19
N GLU C 117 18.04 15.91 -28.12
CA GLU C 117 19.07 16.68 -27.46
C GLU C 117 20.31 16.82 -28.33
N LYS C 118 20.62 15.80 -29.13
CA LYS C 118 21.74 15.91 -30.05
C LYS C 118 21.37 16.67 -31.32
N TYR C 119 20.12 16.50 -31.78
CA TYR C 119 19.61 17.20 -32.97
C TYR C 119 18.43 18.05 -32.54
N PRO C 120 18.69 19.28 -32.06
CA PRO C 120 17.59 20.12 -31.56
C PRO C 120 16.58 20.51 -32.63
N ALA C 121 16.95 20.43 -33.91
CA ALA C 121 16.02 20.81 -34.97
C ALA C 121 14.84 19.86 -35.08
N GLN C 122 14.94 18.65 -34.52
CA GLN C 122 13.88 17.66 -34.58
C GLN C 122 13.09 17.56 -33.28
N PHE C 123 13.25 18.54 -32.37
CA PHE C 123 12.56 18.48 -31.09
C PHE C 123 11.05 18.59 -31.25
N ALA C 124 10.60 19.64 -31.93
CA ALA C 124 9.16 19.87 -32.08
C ALA C 124 8.49 18.74 -32.87
N ASN C 125 9.20 18.17 -33.84
CA ASN C 125 8.62 17.11 -34.66
C ASN C 125 8.56 15.77 -33.93
N LEU C 126 9.39 15.57 -32.91
CA LEU C 126 9.41 14.33 -32.15
C LEU C 126 8.74 14.47 -30.78
N LEU C 127 7.99 15.54 -30.56
CA LEU C 127 7.25 15.70 -29.31
C LEU C 127 6.28 14.56 -29.02
N PRO C 128 5.51 14.03 -29.98
CA PRO C 128 4.55 12.96 -29.64
C PRO C 128 5.20 11.68 -29.11
N TYR C 129 6.52 11.56 -29.18
CA TYR C 129 7.22 10.36 -28.71
C TYR C 129 8.04 10.63 -27.45
N MET C 130 7.88 11.79 -26.83
CA MET C 130 8.56 12.12 -25.59
C MET C 130 7.61 12.00 -24.41
N HIS C 131 8.20 11.82 -23.23
CA HIS C 131 7.41 11.82 -22.01
C HIS C 131 6.87 13.22 -21.74
N ILE C 132 5.73 13.28 -21.05
CA ILE C 132 5.11 14.57 -20.77
C ILE C 132 6.01 15.42 -19.88
N GLN C 133 6.84 14.79 -19.06
CA GLN C 133 7.78 15.53 -18.22
C GLN C 133 9.00 16.01 -19.00
N GLU C 134 9.24 15.46 -20.20
CA GLU C 134 10.33 15.91 -21.05
C GLU C 134 9.93 17.05 -21.98
N ARG C 135 8.63 17.19 -22.27
CA ARG C 135 8.16 18.28 -23.10
C ARG C 135 8.14 19.59 -22.32
N PRO C 136 8.24 20.73 -23.00
CA PRO C 136 8.21 22.01 -22.29
C PRO C 136 6.91 22.21 -21.54
N ASN C 137 6.97 23.05 -20.51
CA ASN C 137 5.82 23.30 -19.65
C ASN C 137 4.67 23.88 -20.45
N ALA C 138 3.56 23.15 -20.50
CA ALA C 138 2.40 23.57 -21.29
C ALA C 138 1.74 24.79 -20.65
N ALA C 139 1.01 25.53 -21.47
CA ALA C 139 0.29 26.70 -20.99
C ALA C 139 -0.81 26.29 -20.02
N GLU C 140 -1.09 27.17 -19.06
CA GLU C 140 -2.11 26.89 -18.06
C GLU C 140 -3.48 26.72 -18.71
N GLY C 141 -4.20 25.68 -18.30
CA GLY C 141 -5.52 25.38 -18.81
C GLY C 141 -5.55 24.29 -19.86
N THR C 142 -4.41 23.98 -20.48
CA THR C 142 -4.39 22.95 -21.51
C THR C 142 -4.38 21.57 -20.89
N LEU C 143 -4.66 20.56 -21.72
CA LEU C 143 -4.66 19.18 -21.24
C LEU C 143 -3.28 18.75 -20.77
N LEU C 144 -2.24 19.10 -21.54
CA LEU C 144 -0.88 18.73 -21.15
C LEU C 144 -0.49 19.36 -19.83
N TYR C 145 -0.99 20.58 -19.55
CA TYR C 145 -0.72 21.22 -18.26
C TYR C 145 -1.28 20.39 -17.11
N HIS C 146 -2.51 19.92 -17.25
CA HIS C 146 -3.10 19.08 -16.20
C HIS C 146 -2.35 17.77 -16.04
N LEU C 147 -1.90 17.18 -17.16
CA LEU C 147 -1.18 15.92 -17.09
C LEU C 147 0.20 16.10 -16.45
N GLN C 148 0.90 17.18 -16.80
CA GLN C 148 2.24 17.40 -16.28
C GLN C 148 2.23 17.66 -14.77
N ASN C 149 1.12 18.18 -14.24
CA ASN C 149 1.01 18.48 -12.82
C ASN C 149 0.31 17.38 -12.04
N MET C 150 0.10 16.21 -12.65
CA MET C 150 -0.51 15.09 -11.96
C MET C 150 0.55 14.28 -11.23
N GLY C 151 0.23 13.89 -10.00
CA GLY C 151 1.06 12.96 -9.26
C GLY C 151 0.94 11.56 -9.82
N GLU C 152 1.71 10.65 -9.21
CA GLU C 152 1.69 9.26 -9.66
C GLU C 152 0.31 8.63 -9.46
N ASP C 153 -0.36 8.98 -8.36
CA ASP C 153 -1.68 8.40 -8.09
C ASP C 153 -2.72 8.93 -9.07
N ALA C 154 -2.66 10.22 -9.40
CA ALA C 154 -3.62 10.78 -10.35
C ALA C 154 -3.45 10.17 -11.74
N ILE C 155 -2.19 9.96 -12.15
CA ILE C 155 -1.94 9.38 -13.47
C ILE C 155 -2.52 7.97 -13.54
N ASN C 156 -2.20 7.14 -12.54
CA ASN C 156 -2.68 5.75 -12.54
C ASN C 156 -4.20 5.69 -12.50
N ALA C 157 -4.84 6.60 -11.75
CA ALA C 157 -6.29 6.62 -11.71
C ALA C 157 -6.88 6.99 -13.07
N LEU C 158 -6.23 7.93 -13.78
CA LEU C 158 -6.70 8.31 -15.10
C LEU C 158 -6.56 7.17 -16.09
N VAL C 159 -5.39 6.51 -16.10
CA VAL C 159 -5.15 5.43 -17.05
C VAL C 159 -6.09 4.26 -16.79
N SER C 160 -6.44 4.01 -15.52
CA SER C 160 -7.35 2.94 -15.17
C SER C 160 -8.81 3.29 -15.39
N GLY C 161 -9.11 4.53 -15.78
CA GLY C 161 -10.49 4.93 -15.98
C GLY C 161 -11.32 4.98 -14.71
N ALA C 162 -10.76 5.53 -13.64
CA ALA C 162 -11.45 5.56 -12.37
C ALA C 162 -12.68 6.47 -12.44
N SER C 163 -13.67 6.17 -11.61
CA SER C 163 -14.89 6.97 -11.57
C SER C 163 -14.59 8.42 -11.18
N MET C 164 -13.55 8.64 -10.39
CA MET C 164 -13.18 9.98 -9.96
C MET C 164 -11.74 9.96 -9.47
N PHE C 165 -11.11 11.13 -9.51
CA PHE C 165 -9.81 11.32 -8.88
C PHE C 165 -9.55 12.81 -8.77
N GLY C 166 -8.59 13.16 -7.93
CA GLY C 166 -8.23 14.56 -7.69
C GLY C 166 -6.77 14.81 -8.02
N SER C 167 -6.52 15.97 -8.62
CA SER C 167 -5.17 16.36 -8.99
C SER C 167 -5.06 17.88 -8.88
N GLY C 168 -4.18 18.34 -7.99
CA GLY C 168 -4.06 19.77 -7.76
C GLY C 168 -5.34 20.31 -7.14
N SER C 169 -5.87 21.38 -7.76
CA SER C 169 -7.11 22.00 -7.30
C SER C 169 -8.32 21.59 -8.15
N ASP C 170 -8.25 20.43 -8.77
CA ASP C 170 -9.31 19.97 -9.67
C ASP C 170 -9.83 18.60 -9.21
N LEU C 171 -11.14 18.41 -9.35
CA LEU C 171 -11.77 17.11 -9.17
C LEU C 171 -12.21 16.59 -10.53
N TRP C 172 -11.75 15.40 -10.88
CA TRP C 172 -12.11 14.76 -12.14
C TRP C 172 -13.24 13.76 -11.87
N LEU C 173 -14.34 13.92 -12.61
CA LEU C 173 -15.47 13.00 -12.51
C LEU C 173 -15.70 12.36 -13.88
N ARG C 174 -15.81 11.04 -13.90
CA ARG C 174 -16.02 10.31 -15.14
C ARG C 174 -17.50 9.98 -15.34
N LYS C 175 -17.97 10.17 -16.56
CA LYS C 175 -19.29 9.69 -16.96
C LYS C 175 -19.19 9.26 -18.42
N GLY C 176 -19.20 7.96 -18.65
CA GLY C 176 -19.01 7.46 -20.01
C GLY C 176 -17.57 7.63 -20.43
N ASP C 177 -17.37 8.23 -21.60
CA ASP C 177 -16.03 8.45 -22.16
C ASP C 177 -15.47 9.83 -21.83
N ILE C 178 -16.15 10.61 -21.00
CA ILE C 178 -15.79 12.00 -20.75
C ILE C 178 -15.44 12.17 -19.28
N TYR C 179 -14.33 12.85 -19.01
CA TYR C 179 -13.99 13.33 -17.67
C TYR C 179 -14.39 14.80 -17.56
N TYR C 180 -15.05 15.15 -16.46
CA TYR C 180 -15.47 16.51 -16.19
C TYR C 180 -14.72 17.05 -14.97
N LEU C 181 -14.11 18.22 -15.12
CA LEU C 181 -13.30 18.81 -14.06
C LEU C 181 -14.10 19.85 -13.29
N PHE C 182 -13.90 19.88 -11.97
CA PHE C 182 -14.55 20.85 -11.10
C PHE C 182 -13.52 21.43 -10.13
N ASN C 183 -13.81 22.62 -9.63
CA ASN C 183 -12.86 23.33 -8.78
C ASN C 183 -12.85 22.73 -7.37
N GLU C 184 -11.88 23.19 -6.58
CA GLU C 184 -11.76 22.75 -5.19
C GLU C 184 -13.01 23.11 -4.39
N GLU C 185 -13.50 24.35 -4.55
CA GLU C 185 -14.62 24.81 -3.75
C GLU C 185 -15.89 24.01 -4.04
N THR C 186 -16.13 23.68 -5.31
CA THR C 186 -17.27 22.84 -5.65
C THR C 186 -17.12 21.45 -5.04
N TRP C 187 -15.90 20.92 -5.03
CA TRP C 187 -15.63 19.64 -4.38
C TRP C 187 -15.93 19.72 -2.88
N LEU C 188 -15.42 20.75 -2.21
CA LEU C 188 -15.67 20.92 -0.78
C LEU C 188 -17.14 21.12 -0.50
N THR C 189 -17.83 21.92 -1.32
CA THR C 189 -19.23 22.23 -1.06
C THR C 189 -20.09 20.98 -1.10
N ASN C 190 -19.94 20.16 -2.13
CA ASN C 190 -20.80 19.00 -2.29
C ASN C 190 -20.46 17.88 -1.32
N ALA C 191 -19.17 17.72 -0.96
CA ALA C 191 -18.82 16.74 0.06
C ALA C 191 -19.36 17.16 1.41
N ASN C 192 -19.37 18.46 1.69
CA ASN C 192 -19.95 18.95 2.94
C ASN C 192 -21.46 18.71 2.99
N LYS C 193 -22.15 18.95 1.87
CA LYS C 193 -23.59 18.73 1.84
C LYS C 193 -23.94 17.25 1.93
N ALA C 194 -23.08 16.38 1.40
CA ALA C 194 -23.33 14.95 1.43
C ALA C 194 -22.90 14.29 2.74
N GLY C 195 -22.42 15.07 3.70
CA GLY C 195 -21.94 14.50 4.94
C GLY C 195 -20.70 13.65 4.80
N LEU C 196 -19.82 14.00 3.86
CA LEU C 196 -18.64 13.20 3.56
C LEU C 196 -17.37 13.96 3.94
N SER C 197 -16.37 13.20 4.37
CA SER C 197 -15.01 13.68 4.49
C SER C 197 -14.14 12.89 3.51
N TYR C 198 -13.01 13.47 3.13
CA TYR C 198 -12.15 12.83 2.15
C TYR C 198 -10.71 13.26 2.35
N SER C 199 -9.82 12.47 1.75
CA SER C 199 -8.40 12.80 1.67
C SER C 199 -7.81 12.06 0.48
N LEU C 200 -6.68 12.54 0.00
CA LEU C 200 -6.01 11.89 -1.11
C LEU C 200 -5.17 10.71 -0.61
N LEU C 201 -5.04 9.70 -1.45
CA LEU C 201 -4.30 8.49 -1.11
C LEU C 201 -2.83 8.77 -0.83
N SER C 202 -2.35 9.99 -1.10
CA SER C 202 -0.94 10.32 -0.92
C SER C 202 -0.52 10.14 0.53
N ALA C 203 -1.12 10.91 1.44
CA ALA C 203 -0.77 10.86 2.86
C ALA C 203 -1.24 9.54 3.48
N ASP C 204 -0.43 8.50 3.36
CA ASP C 204 -0.77 7.20 3.93
C ASP C 204 0.42 6.56 4.62
N ASN C 205 0.60 5.25 4.40
CA ASN C 205 1.77 4.50 4.87
C ASN C 205 1.85 4.44 6.40
N THR C 206 2.48 5.44 7.01
CA THR C 206 2.80 5.53 8.44
C THR C 206 3.70 4.39 8.90
N CYS C 207 4.10 3.52 7.97
CA CYS C 207 5.07 2.46 8.21
C CYS C 207 6.33 2.77 7.41
N PHE C 208 7.03 3.83 7.79
CA PHE C 208 8.13 4.31 6.97
C PHE C 208 9.37 3.43 7.11
N ILE C 209 9.76 3.13 8.34
CA ILE C 209 10.92 2.30 8.63
C ILE C 209 10.39 0.90 8.95
N GLN C 210 10.53 -0.02 7.99
CA GLN C 210 9.99 -1.37 8.17
C GLN C 210 11.05 -2.41 7.84
N ARG C 211 10.97 -3.53 8.55
CA ARG C 211 11.79 -4.71 8.31
C ARG C 211 10.85 -5.91 8.28
N GLY C 212 10.69 -6.52 7.11
CA GLY C 212 9.68 -7.55 6.98
C GLY C 212 8.30 -6.95 7.14
N ASN C 213 7.50 -7.52 8.05
CA ASN C 213 6.18 -7.00 8.37
C ASN C 213 6.19 -6.20 9.67
N ILE C 214 7.35 -5.73 10.11
CA ILE C 214 7.50 -5.00 11.37
C ILE C 214 7.77 -3.54 11.06
N CYS C 215 6.91 -2.65 11.56
CA CYS C 215 7.08 -1.22 11.41
C CYS C 215 7.77 -0.69 12.66
N TRP C 216 9.00 -0.20 12.50
CA TRP C 216 9.78 0.29 13.64
C TRP C 216 9.60 1.79 13.82
N ASP C 217 9.65 2.22 15.06
CA ASP C 217 9.46 3.63 15.40
C ASP C 217 10.19 3.94 16.69
N VAL C 218 10.54 5.22 16.85
CA VAL C 218 11.14 5.69 18.10
C VAL C 218 10.04 5.80 19.15
N GLU C 219 10.36 5.37 20.37
CA GLU C 219 9.38 5.34 21.45
C GLU C 219 9.42 6.66 22.21
N ASP C 220 8.26 7.33 22.29
CA ASP C 220 8.08 8.63 22.93
C ASP C 220 9.28 9.57 22.81
N SER D 1 24.17 16.54 21.18
CA SER D 1 22.77 16.37 20.87
C SER D 1 22.58 15.86 19.43
N ASN D 2 22.45 14.56 19.29
CA ASN D 2 22.28 13.93 17.99
C ASN D 2 20.80 13.69 17.69
N ALA D 3 20.49 13.60 16.40
CA ALA D 3 19.15 13.26 15.97
C ALA D 3 18.93 11.76 16.10
N ASP D 4 17.69 11.39 16.41
CA ASP D 4 17.34 9.98 16.60
C ASP D 4 17.59 9.19 15.31
N SER D 5 18.25 8.06 15.45
CA SER D 5 18.61 7.21 14.31
C SER D 5 17.91 5.87 14.47
N LEU D 6 16.79 5.68 13.77
CA LEU D 6 16.14 4.38 13.70
C LEU D 6 17.05 3.27 13.22
N PRO D 7 17.86 3.44 12.17
CA PRO D 7 18.74 2.32 11.75
C PRO D 7 19.70 1.87 12.83
N GLU D 8 20.30 2.81 13.58
CA GLU D 8 21.23 2.43 14.63
C GLU D 8 20.54 1.68 15.76
N ARG D 9 19.34 2.13 16.15
CA ARG D 9 18.62 1.46 17.23
C ARG D 9 18.16 0.07 16.82
N ILE D 10 17.81 -0.11 15.54
CA ILE D 10 17.43 -1.44 15.07
C ILE D 10 18.63 -2.39 15.10
N ASP D 11 19.81 -1.89 14.71
CA ASP D 11 21.01 -2.70 14.78
C ASP D 11 21.33 -3.09 16.22
N LEU D 12 21.17 -2.14 17.16
CA LEU D 12 21.36 -2.45 18.57
C LEU D 12 20.32 -3.45 19.05
N PHE D 13 19.08 -3.34 18.54
CA PHE D 13 18.04 -4.29 18.92
C PHE D 13 18.40 -5.71 18.51
N VAL D 14 18.98 -5.88 17.31
CA VAL D 14 19.37 -7.20 16.85
C VAL D 14 20.54 -7.74 17.66
N SER D 15 21.47 -6.86 18.04
CA SER D 15 22.67 -7.29 18.77
C SER D 15 22.35 -7.81 20.16
N LEU D 16 21.19 -7.46 20.72
CA LEU D 16 20.83 -7.89 22.07
C LEU D 16 20.39 -9.34 22.13
N PHE D 17 20.19 -10.01 21.01
CA PHE D 17 19.70 -11.37 20.99
C PHE D 17 20.84 -12.37 21.05
N ASP D 18 20.55 -13.54 21.62
CA ASP D 18 21.48 -14.65 21.71
C ASP D 18 20.94 -15.77 20.83
N TYR D 19 21.61 -16.02 19.70
CA TYR D 19 21.14 -17.02 18.75
C TYR D 19 21.22 -18.44 19.31
N ASN D 20 22.11 -18.69 20.27
CA ASN D 20 22.22 -20.03 20.84
C ASN D 20 21.09 -20.35 21.81
N SER D 21 20.36 -19.34 22.28
CA SER D 21 19.27 -19.54 23.23
C SER D 21 17.91 -19.25 22.59
N ALA D 22 17.78 -19.49 21.30
CA ALA D 22 16.50 -19.32 20.63
C ALA D 22 15.63 -20.56 20.85
N THR D 23 14.31 -20.35 20.80
CA THR D 23 13.37 -21.45 21.01
C THR D 23 13.52 -22.51 19.92
N THR D 24 13.56 -22.07 18.65
CA THR D 24 13.72 -22.99 17.52
C THR D 24 14.49 -22.25 16.43
N SER D 25 14.93 -23.01 15.43
CA SER D 25 15.64 -22.45 14.30
C SER D 25 15.37 -23.29 13.07
N TYR D 26 15.35 -22.64 11.90
CA TYR D 26 15.06 -23.31 10.65
C TYR D 26 16.04 -22.83 9.59
N ASP D 27 16.44 -23.75 8.71
CA ASP D 27 17.31 -23.42 7.59
C ASP D 27 16.47 -22.92 6.43
N ILE D 28 16.88 -21.80 5.84
CA ILE D 28 16.12 -21.21 4.76
C ILE D 28 16.14 -22.11 3.53
N ARG D 29 17.30 -22.66 3.19
CA ARG D 29 17.39 -23.57 2.06
C ARG D 29 16.53 -24.81 2.26
N SER D 30 16.36 -25.24 3.52
CA SER D 30 15.50 -26.38 3.80
C SER D 30 14.03 -26.02 3.62
N ILE D 31 13.65 -24.80 3.99
CA ILE D 31 12.26 -24.37 3.80
C ILE D 31 11.95 -24.21 2.31
N GLN D 32 12.86 -23.61 1.56
CA GLN D 32 12.64 -23.41 0.13
C GLN D 32 12.55 -24.73 -0.61
N THR D 33 13.33 -25.73 -0.20
CA THR D 33 13.29 -27.03 -0.85
C THR D 33 12.00 -27.77 -0.51
N ASP D 34 11.61 -27.77 0.76
CA ASP D 34 10.45 -28.53 1.20
C ASP D 34 9.12 -27.86 0.86
N PHE D 35 9.10 -26.54 0.68
CA PHE D 35 7.86 -25.80 0.45
C PHE D 35 8.04 -24.82 -0.70
N PRO D 36 7.54 -25.16 -1.89
CA PRO D 36 7.48 -24.16 -2.97
C PRO D 36 6.62 -22.98 -2.55
N THR D 37 6.94 -21.80 -3.11
CA THR D 37 6.31 -20.57 -2.66
C THR D 37 4.80 -20.61 -2.84
N ARG D 38 4.33 -21.12 -3.97
CA ARG D 38 2.89 -21.14 -4.23
C ARG D 38 2.11 -22.07 -3.31
N LEU D 39 2.80 -22.94 -2.57
CA LEU D 39 2.15 -23.77 -1.56
C LEU D 39 2.08 -23.09 -0.20
N LEU D 40 2.66 -21.88 -0.08
CA LEU D 40 2.62 -21.11 1.15
C LEU D 40 1.74 -19.88 1.07
N THR D 41 1.67 -19.23 -0.09
CA THR D 41 0.91 -18.01 -0.23
C THR D 41 -0.58 -18.29 -0.02
N PRO D 42 -1.26 -17.56 0.88
CA PRO D 42 -2.66 -17.87 1.16
C PRO D 42 -3.59 -17.68 -0.02
N ASP D 43 -3.26 -16.78 -0.95
CA ASP D 43 -4.16 -16.52 -2.07
C ASP D 43 -4.15 -17.64 -3.11
N SER D 44 -3.23 -18.61 -3.00
CA SER D 44 -3.27 -19.76 -3.88
C SER D 44 -4.49 -20.64 -3.62
N MET D 45 -5.15 -20.47 -2.48
CA MET D 45 -6.38 -21.22 -2.19
C MET D 45 -7.60 -20.62 -2.87
N LEU D 46 -7.51 -19.38 -3.34
CA LEU D 46 -8.60 -18.68 -4.00
C LEU D 46 -8.62 -19.02 -5.49
N PRO D 47 -9.79 -18.93 -6.13
CA PRO D 47 -9.85 -19.11 -7.58
C PRO D 47 -8.95 -18.11 -8.29
N GLN D 48 -8.24 -18.60 -9.31
CA GLN D 48 -7.25 -17.79 -10.03
C GLN D 48 -7.92 -16.92 -11.09
N THR D 49 -8.77 -16.01 -10.60
CA THR D 49 -9.56 -15.16 -11.50
C THR D 49 -8.74 -14.05 -12.15
N SER D 50 -7.48 -13.86 -11.73
CA SER D 50 -6.61 -12.88 -12.35
C SER D 50 -5.54 -13.49 -13.25
N GLU D 51 -5.37 -14.82 -13.20
CA GLU D 51 -4.38 -15.49 -14.04
C GLU D 51 -5.00 -16.19 -15.25
N TYR D 52 -6.33 -16.28 -15.32
CA TYR D 52 -7.02 -16.93 -16.42
C TYR D 52 -8.26 -16.14 -16.78
N PRO D 53 -8.69 -16.18 -18.03
CA PRO D 53 -10.00 -15.62 -18.38
C PRO D 53 -11.11 -16.34 -17.64
N LEU D 54 -12.09 -15.57 -17.17
CA LEU D 54 -13.17 -16.14 -16.36
C LEU D 54 -13.99 -17.15 -17.16
N LYS D 55 -14.12 -16.96 -18.46
CA LYS D 55 -14.87 -17.91 -19.28
C LYS D 55 -14.19 -19.27 -19.30
N ASP D 56 -12.86 -19.31 -19.23
CA ASP D 56 -12.15 -20.58 -19.27
C ASP D 56 -12.23 -21.33 -17.94
N ILE D 57 -12.28 -20.60 -16.82
CA ILE D 57 -12.46 -21.25 -15.53
C ILE D 57 -13.85 -21.90 -15.45
N GLN D 58 -14.85 -21.25 -16.02
CA GLN D 58 -16.19 -21.82 -16.04
C GLN D 58 -16.24 -23.09 -16.89
N LEU D 59 -15.65 -23.03 -18.09
CA LEU D 59 -15.65 -24.20 -18.96
C LEU D 59 -14.80 -25.32 -18.37
N LEU D 60 -13.68 -24.98 -17.73
CA LEU D 60 -12.85 -26.00 -17.12
C LEU D 60 -13.57 -26.70 -15.96
N TYR D 61 -14.41 -25.98 -15.24
CA TYR D 61 -15.16 -26.58 -14.14
C TYR D 61 -16.30 -27.45 -14.64
N LYS D 62 -17.03 -26.97 -15.66
CA LYS D 62 -18.12 -27.78 -16.23
C LYS D 62 -17.57 -29.01 -16.94
N LEU D 63 -16.37 -28.92 -17.50
CA LEU D 63 -15.74 -30.10 -18.10
C LEU D 63 -15.31 -31.10 -17.03
N ALA D 64 -15.01 -30.63 -15.82
CA ALA D 64 -14.55 -31.53 -14.77
C ALA D 64 -15.69 -32.32 -14.14
N GLN D 65 -16.91 -31.78 -14.17
N GLN D 65 -16.91 -31.79 -14.16
CA GLN D 65 -18.05 -32.46 -13.58
CA GLN D 65 -18.05 -32.47 -13.54
C GLN D 65 -18.80 -33.34 -14.58
C GLN D 65 -18.87 -33.29 -14.52
N SER D 66 -18.76 -33.01 -15.86
N SER D 66 -18.73 -33.04 -15.83
CA SER D 66 -19.44 -33.78 -16.89
CA SER D 66 -19.43 -33.84 -16.83
C SER D 66 -18.51 -34.63 -17.73
C SER D 66 -18.50 -34.65 -17.71
N CYS D 67 -17.20 -34.35 -17.73
CA CYS D 67 -16.22 -35.07 -18.53
C CYS D 67 -16.55 -35.05 -20.02
N THR D 68 -17.23 -33.99 -20.46
CA THR D 68 -17.59 -33.81 -21.86
C THR D 68 -18.09 -32.38 -22.03
N GLY D 69 -18.06 -31.91 -23.27
CA GLY D 69 -18.52 -30.57 -23.58
C GLY D 69 -17.50 -29.74 -24.34
N LYS D 70 -17.54 -28.43 -24.12
CA LYS D 70 -16.65 -27.50 -24.81
C LYS D 70 -15.32 -27.40 -24.09
N LEU D 71 -14.25 -27.22 -24.87
CA LEU D 71 -12.89 -27.10 -24.33
C LEU D 71 -12.49 -25.64 -24.22
N PRO D 72 -11.96 -25.20 -23.08
CA PRO D 72 -11.39 -23.85 -23.00
C PRO D 72 -10.18 -23.73 -23.91
N LEU D 73 -10.15 -22.67 -24.71
CA LEU D 73 -9.19 -22.53 -25.80
C LEU D 73 -8.06 -21.56 -25.50
N SER D 74 -8.00 -21.01 -24.28
CA SER D 74 -6.93 -20.09 -23.96
C SER D 74 -5.60 -20.83 -23.89
N PRO D 75 -4.52 -20.23 -24.42
CA PRO D 75 -3.19 -20.88 -24.31
C PRO D 75 -2.65 -20.93 -22.91
N LEU D 76 -3.26 -20.21 -21.95
CA LEU D 76 -2.81 -20.21 -20.57
C LEU D 76 -3.34 -21.40 -19.78
N ILE D 77 -4.31 -22.14 -20.31
CA ILE D 77 -4.99 -23.19 -19.58
C ILE D 77 -4.61 -24.58 -20.11
N THR D 78 -3.45 -24.68 -20.78
CA THR D 78 -3.03 -25.96 -21.36
C THR D 78 -2.81 -27.01 -20.29
N GLU D 79 -1.93 -26.73 -19.32
CA GLU D 79 -1.68 -27.69 -18.25
C GLU D 79 -2.91 -27.97 -17.40
N PRO D 80 -3.74 -26.99 -17.01
CA PRO D 80 -4.99 -27.33 -16.31
C PRO D 80 -5.90 -28.24 -17.12
N LEU D 81 -5.90 -28.09 -18.45
CA LEU D 81 -6.73 -28.96 -19.29
C LEU D 81 -6.19 -30.39 -19.30
N VAL D 82 -4.86 -30.54 -19.31
CA VAL D 82 -4.26 -31.86 -19.26
C VAL D 82 -4.63 -32.57 -17.96
N PHE D 83 -4.58 -31.84 -16.84
CA PHE D 83 -4.99 -32.41 -15.56
C PHE D 83 -6.47 -32.79 -15.58
N THR D 84 -7.31 -31.93 -16.15
CA THR D 84 -8.75 -32.17 -16.13
C THR D 84 -9.12 -33.39 -16.98
N ARG D 85 -8.49 -33.54 -18.14
CA ARG D 85 -8.79 -34.70 -18.98
C ARG D 85 -8.21 -35.97 -18.40
N SER D 86 -7.12 -35.88 -17.64
CA SER D 86 -6.53 -37.07 -17.03
C SER D 86 -7.43 -37.63 -15.94
N LEU D 87 -8.05 -36.75 -15.15
CA LEU D 87 -8.99 -37.22 -14.13
C LEU D 87 -10.24 -37.84 -14.75
N CYS D 88 -10.65 -37.35 -15.93
CA CYS D 88 -11.79 -37.94 -16.61
C CYS D 88 -11.41 -39.24 -17.32
N LYS D 89 -10.25 -39.29 -17.95
CA LYS D 89 -9.79 -40.52 -18.58
C LYS D 89 -9.51 -41.61 -17.55
N GLY D 90 -9.29 -41.24 -16.29
CA GLY D 90 -8.86 -42.20 -15.29
C GLY D 90 -7.39 -42.53 -15.32
N SER D 91 -6.60 -41.82 -16.12
CA SER D 91 -5.17 -42.06 -16.18
C SER D 91 -4.48 -41.56 -14.91
N SER D 92 -3.32 -42.12 -14.64
CA SER D 92 -2.58 -41.80 -13.42
C SER D 92 -1.61 -40.66 -13.66
N LEU D 93 -1.32 -39.91 -12.59
CA LEU D 93 -0.33 -38.85 -12.62
C LEU D 93 0.73 -39.15 -11.56
N SER D 94 1.97 -39.35 -12.02
CA SER D 94 3.05 -39.67 -11.11
C SER D 94 3.36 -38.47 -10.20
N PRO D 95 4.02 -38.72 -9.06
CA PRO D 95 4.44 -37.59 -8.22
C PRO D 95 5.34 -36.60 -8.94
N ARG D 96 6.11 -37.05 -9.94
CA ARG D 96 6.94 -36.13 -10.71
C ARG D 96 6.09 -35.18 -11.54
N TRP D 97 4.93 -35.63 -12.02
CA TRP D 97 4.06 -34.74 -12.80
C TRP D 97 3.66 -33.52 -12.00
N PHE D 98 3.32 -33.71 -10.72
CA PHE D 98 2.97 -32.57 -9.88
C PHE D 98 4.19 -31.69 -9.59
N ALA D 99 5.36 -32.31 -9.42
CA ALA D 99 6.56 -31.54 -9.13
C ALA D 99 6.95 -30.64 -10.28
N ARG D 100 6.69 -31.05 -11.51
CA ARG D 100 7.01 -30.25 -12.69
C ARG D 100 5.84 -29.38 -13.15
N SER D 101 4.71 -29.45 -12.47
CA SER D 101 3.55 -28.65 -12.83
C SER D 101 3.57 -27.32 -12.07
N GLY D 102 2.61 -26.45 -12.37
CA GLY D 102 2.45 -25.22 -11.63
C GLY D 102 1.81 -25.38 -10.27
N LEU D 103 1.49 -26.61 -9.87
CA LEU D 103 0.94 -26.95 -8.56
C LEU D 103 -0.47 -26.43 -8.35
N ILE D 104 -0.74 -25.19 -8.74
CA ILE D 104 -2.00 -24.53 -8.43
C ILE D 104 -3.00 -24.78 -9.56
N HIS D 105 -4.23 -25.15 -9.19
CA HIS D 105 -5.41 -25.35 -10.01
C HIS D 105 -6.16 -24.02 -10.18
N PRO D 106 -6.67 -23.76 -11.38
CA PRO D 106 -7.32 -22.45 -11.64
C PRO D 106 -8.48 -22.15 -10.71
N GLY D 107 -9.16 -23.17 -10.19
CA GLY D 107 -10.25 -22.97 -9.27
C GLY D 107 -9.86 -22.78 -7.83
N GLY D 108 -8.58 -22.70 -7.52
CA GLY D 108 -8.12 -22.59 -6.16
C GLY D 108 -7.63 -23.91 -5.60
N GLY D 109 -6.60 -23.87 -4.77
CA GLY D 109 -6.01 -25.10 -4.28
C GLY D 109 -5.01 -25.68 -5.27
N THR D 110 -4.69 -26.95 -5.06
CA THR D 110 -3.65 -27.61 -5.84
C THR D 110 -4.22 -28.76 -6.66
N TYR D 111 -3.46 -29.19 -7.66
CA TYR D 111 -3.81 -30.40 -8.40
C TYR D 111 -3.72 -31.62 -7.51
N ALA D 112 -2.73 -31.67 -6.63
CA ALA D 112 -2.51 -32.85 -5.79
C ALA D 112 -3.70 -33.12 -4.88
N PHE D 113 -4.28 -32.06 -4.31
CA PHE D 113 -5.41 -32.24 -3.42
C PHE D 113 -6.63 -32.77 -4.17
N ARG D 114 -6.93 -32.21 -5.34
CA ARG D 114 -8.04 -32.71 -6.15
C ARG D 114 -7.78 -34.14 -6.60
N TYR D 115 -6.53 -34.45 -6.97
CA TYR D 115 -6.18 -35.80 -7.39
C TYR D 115 -6.31 -36.78 -6.23
N ALA D 116 -5.91 -36.37 -5.04
CA ALA D 116 -6.01 -37.24 -3.87
C ALA D 116 -7.45 -37.41 -3.41
N GLU D 117 -8.31 -36.41 -3.66
CA GLU D 117 -9.73 -36.58 -3.35
C GLU D 117 -10.37 -37.65 -4.22
N LYS D 118 -9.91 -37.78 -5.47
CA LYS D 118 -10.44 -38.84 -6.34
C LYS D 118 -9.82 -40.19 -6.01
N TYR D 119 -8.52 -40.20 -5.68
CA TYR D 119 -7.79 -41.42 -5.36
C TYR D 119 -7.25 -41.28 -3.94
N PRO D 120 -8.06 -41.59 -2.92
CA PRO D 120 -7.61 -41.38 -1.53
C PRO D 120 -6.35 -42.15 -1.17
N ALA D 121 -6.10 -43.29 -1.82
CA ALA D 121 -4.94 -44.10 -1.48
C ALA D 121 -3.62 -43.39 -1.80
N GLN D 122 -3.66 -42.32 -2.60
CA GLN D 122 -2.48 -41.55 -2.95
C GLN D 122 -2.33 -40.29 -2.12
N PHE D 123 -3.12 -40.15 -1.05
CA PHE D 123 -3.12 -38.90 -0.27
C PHE D 123 -1.76 -38.63 0.35
N ALA D 124 -1.21 -39.61 1.07
CA ALA D 124 0.05 -39.40 1.77
C ALA D 124 1.19 -39.15 0.80
N ASN D 125 1.20 -39.84 -0.33
CA ASN D 125 2.30 -39.69 -1.29
C ASN D 125 2.33 -38.31 -1.92
N LEU D 126 1.19 -37.63 -2.01
CA LEU D 126 1.08 -36.36 -2.70
C LEU D 126 0.98 -35.17 -1.75
N LEU D 127 1.20 -35.39 -0.45
CA LEU D 127 1.21 -34.27 0.49
C LEU D 127 2.25 -33.20 0.18
N PRO D 128 3.50 -33.53 -0.23
CA PRO D 128 4.48 -32.45 -0.49
C PRO D 128 4.10 -31.54 -1.64
N TYR D 129 2.99 -31.83 -2.33
CA TYR D 129 2.55 -31.01 -3.45
C TYR D 129 1.22 -30.33 -3.19
N MET D 130 0.70 -30.41 -1.97
CA MET D 130 -0.54 -29.73 -1.59
C MET D 130 -0.21 -28.44 -0.85
N HIS D 131 -1.14 -27.50 -0.90
CA HIS D 131 -1.00 -26.26 -0.13
C HIS D 131 -1.02 -26.58 1.36
N ILE D 132 -0.31 -25.76 2.14
CA ILE D 132 -0.20 -26.03 3.57
C ILE D 132 -1.57 -25.95 4.24
N GLN D 133 -2.48 -25.17 3.67
CA GLN D 133 -3.84 -25.11 4.19
C GLN D 133 -4.66 -26.34 3.83
N GLU D 134 -4.25 -27.09 2.80
CA GLU D 134 -4.93 -28.32 2.44
C GLU D 134 -4.45 -29.51 3.25
N ARG D 135 -3.23 -29.45 3.80
CA ARG D 135 -2.70 -30.52 4.61
C ARG D 135 -3.35 -30.51 5.99
N PRO D 136 -3.29 -31.64 6.72
CA PRO D 136 -3.83 -31.65 8.08
C PRO D 136 -3.12 -30.65 8.98
N ASN D 137 -3.84 -30.19 10.00
CA ASN D 137 -3.26 -29.27 10.98
C ASN D 137 -2.08 -29.94 11.68
N ALA D 138 -0.90 -29.36 11.54
CA ALA D 138 0.29 -29.94 12.15
C ALA D 138 0.27 -29.71 13.66
N ALA D 139 1.15 -30.44 14.34
CA ALA D 139 1.24 -30.36 15.80
C ALA D 139 2.11 -29.18 16.21
N GLU D 140 1.89 -28.72 17.44
CA GLU D 140 2.61 -27.56 17.95
C GLU D 140 4.11 -27.80 17.96
N GLY D 141 4.86 -26.75 17.62
CA GLY D 141 6.31 -26.81 17.61
C GLY D 141 6.93 -27.15 16.26
N THR D 142 6.16 -27.76 15.36
CA THR D 142 6.68 -28.14 14.06
C THR D 142 6.73 -26.93 13.12
N LEU D 143 7.56 -27.05 12.08
CA LEU D 143 7.66 -25.98 11.09
C LEU D 143 6.34 -25.77 10.37
N LEU D 144 5.67 -26.86 9.98
CA LEU D 144 4.39 -26.74 9.28
C LEU D 144 3.34 -26.05 10.15
N TYR D 145 3.41 -26.24 11.47
CA TYR D 145 2.47 -25.57 12.36
C TYR D 145 2.66 -24.06 12.33
N HIS D 146 3.92 -23.60 12.37
CA HIS D 146 4.18 -22.17 12.28
C HIS D 146 3.74 -21.61 10.93
N LEU D 147 4.00 -22.36 9.85
CA LEU D 147 3.63 -21.89 8.52
C LEU D 147 2.11 -21.82 8.36
N GLN D 148 1.39 -22.81 8.88
CA GLN D 148 -0.07 -22.82 8.75
C GLN D 148 -0.73 -21.69 9.53
N ASN D 149 -0.06 -21.15 10.55
CA ASN D 149 -0.59 -20.05 11.33
C ASN D 149 -0.03 -18.70 10.91
N MET D 150 0.85 -18.66 9.92
CA MET D 150 1.37 -17.38 9.43
C MET D 150 0.31 -16.66 8.61
N GLY D 151 0.24 -15.34 8.80
CA GLY D 151 -0.58 -14.50 7.96
C GLY D 151 0.05 -14.28 6.60
N GLU D 152 -0.68 -13.54 5.76
CA GLU D 152 -0.20 -13.25 4.42
C GLU D 152 1.10 -12.46 4.45
N ASP D 153 1.18 -11.46 5.33
CA ASP D 153 2.39 -10.62 5.40
C ASP D 153 3.59 -11.42 5.89
N ALA D 154 3.39 -12.29 6.88
CA ALA D 154 4.50 -13.07 7.41
C ALA D 154 5.02 -14.07 6.38
N ILE D 155 4.12 -14.67 5.59
CA ILE D 155 4.53 -15.61 4.56
C ILE D 155 5.43 -14.93 3.53
N ASN D 156 5.00 -13.77 3.03
CA ASN D 156 5.77 -13.07 2.01
C ASN D 156 7.10 -12.56 2.57
N ALA D 157 7.13 -12.17 3.84
CA ALA D 157 8.39 -11.76 4.45
C ALA D 157 9.37 -12.92 4.51
N LEU D 158 8.89 -14.10 4.87
CA LEU D 158 9.74 -15.29 4.91
C LEU D 158 10.22 -15.65 3.51
N VAL D 159 9.31 -15.65 2.53
CA VAL D 159 9.68 -16.00 1.16
C VAL D 159 10.68 -14.99 0.60
N SER D 160 10.50 -13.71 0.91
CA SER D 160 11.43 -12.69 0.46
C SER D 160 12.76 -12.75 1.20
N GLY D 161 12.86 -13.53 2.28
CA GLY D 161 14.09 -13.60 3.05
C GLY D 161 14.40 -12.36 3.84
N ALA D 162 13.40 -11.77 4.48
CA ALA D 162 13.60 -10.53 5.23
C ALA D 162 14.51 -10.76 6.43
N SER D 163 15.15 -9.67 6.87
CA SER D 163 16.03 -9.74 8.03
C SER D 163 15.27 -10.13 9.28
N MET D 164 13.98 -9.80 9.34
CA MET D 164 13.16 -10.13 10.50
C MET D 164 11.70 -10.04 10.10
N PHE D 165 10.86 -10.73 10.85
CA PHE D 165 9.41 -10.59 10.73
C PHE D 165 8.75 -11.24 11.93
N GLY D 166 7.52 -10.83 12.19
CA GLY D 166 6.76 -11.35 13.32
C GLY D 166 5.53 -12.11 12.84
N SER D 167 5.19 -13.17 13.58
CA SER D 167 4.02 -13.99 13.27
C SER D 167 3.41 -14.43 14.60
N GLY D 168 2.35 -13.75 15.02
CA GLY D 168 1.72 -14.04 16.28
C GLY D 168 2.56 -13.62 17.46
N SER D 169 2.95 -14.58 18.31
CA SER D 169 3.78 -14.31 19.48
C SER D 169 5.21 -14.76 19.28
N ASP D 170 5.67 -14.81 18.03
CA ASP D 170 7.02 -15.24 17.70
C ASP D 170 7.72 -14.19 16.86
N LEU D 171 8.99 -13.95 17.15
CA LEU D 171 9.84 -13.05 16.38
C LEU D 171 10.86 -13.87 15.62
N TRP D 172 10.87 -13.73 14.30
CA TRP D 172 11.81 -14.43 13.44
C TRP D 172 12.95 -13.50 13.08
N LEU D 173 14.18 -13.93 13.35
CA LEU D 173 15.39 -13.15 13.05
C LEU D 173 16.27 -13.97 12.13
N ARG D 174 16.76 -13.33 11.08
CA ARG D 174 17.59 -14.00 10.07
C ARG D 174 19.06 -13.69 10.31
N LYS D 175 19.89 -14.74 10.27
CA LYS D 175 21.34 -14.59 10.28
C LYS D 175 21.88 -15.58 9.25
N GLY D 176 22.24 -15.07 8.08
CA GLY D 176 22.69 -15.92 7.00
C GLY D 176 21.59 -16.74 6.38
N ASP D 177 21.65 -18.07 6.55
CA ASP D 177 20.66 -18.99 6.00
C ASP D 177 19.78 -19.59 7.08
N ILE D 178 19.76 -19.01 8.28
CA ILE D 178 19.03 -19.56 9.42
C ILE D 178 18.11 -18.49 9.99
N TYR D 179 16.87 -18.88 10.27
CA TYR D 179 15.93 -18.04 11.00
C TYR D 179 15.85 -18.50 12.44
N TYR D 180 15.95 -17.56 13.38
CA TYR D 180 15.88 -17.86 14.81
C TYR D 180 14.60 -17.30 15.38
N LEU D 181 13.88 -18.12 16.14
CA LEU D 181 12.60 -17.73 16.72
C LEU D 181 12.78 -17.36 18.18
N PHE D 182 12.17 -16.25 18.58
CA PHE D 182 12.23 -15.77 19.95
C PHE D 182 10.82 -15.47 20.45
N ASN D 183 10.64 -15.56 21.76
CA ASN D 183 9.32 -15.43 22.35
C ASN D 183 8.88 -13.96 22.33
N GLU D 184 7.65 -13.75 22.81
CA GLU D 184 7.05 -12.42 22.77
C GLU D 184 7.74 -11.47 23.76
N GLU D 185 7.93 -11.93 25.00
CA GLU D 185 8.54 -11.06 26.01
C GLU D 185 9.96 -10.68 25.64
N THR D 186 10.71 -11.61 25.04
CA THR D 186 12.06 -11.29 24.60
C THR D 186 12.04 -10.21 23.53
N TRP D 187 11.00 -10.19 22.69
CA TRP D 187 10.86 -9.14 21.68
C TRP D 187 10.64 -7.78 22.33
N LEU D 188 9.72 -7.71 23.29
CA LEU D 188 9.44 -6.43 23.95
C LEU D 188 10.63 -5.96 24.78
N THR D 189 11.36 -6.90 25.39
CA THR D 189 12.46 -6.52 26.28
C THR D 189 13.58 -5.85 25.50
N ASN D 190 14.02 -6.45 24.39
CA ASN D 190 15.11 -5.86 23.62
C ASN D 190 14.67 -4.62 22.87
N ALA D 191 13.41 -4.56 22.44
CA ALA D 191 12.92 -3.35 21.78
C ALA D 191 12.85 -2.18 22.75
N ASN D 192 12.49 -2.45 24.00
CA ASN D 192 12.45 -1.40 25.01
C ASN D 192 13.85 -0.97 25.42
N LYS D 193 14.81 -1.91 25.45
CA LYS D 193 16.18 -1.56 25.77
C LYS D 193 16.78 -0.67 24.67
N ALA D 194 16.51 -0.99 23.41
CA ALA D 194 17.02 -0.19 22.30
C ALA D 194 16.24 1.10 22.09
N GLY D 195 15.25 1.39 22.93
CA GLY D 195 14.44 2.58 22.75
C GLY D 195 13.56 2.52 21.50
N LEU D 196 12.96 1.38 21.23
CA LEU D 196 12.20 1.16 20.01
C LEU D 196 10.77 0.76 20.34
N SER D 197 9.83 1.31 19.57
CA SER D 197 8.45 0.86 19.54
C SER D 197 8.17 0.28 18.16
N TYR D 198 7.28 -0.71 18.11
CA TYR D 198 7.03 -1.42 16.87
C TYR D 198 5.54 -1.73 16.73
N SER D 199 5.16 -2.09 15.50
CA SER D 199 3.82 -2.54 15.18
C SER D 199 3.91 -3.38 13.91
N LEU D 200 3.00 -4.34 13.79
CA LEU D 200 2.98 -5.19 12.61
C LEU D 200 2.22 -4.51 11.47
N LEU D 201 2.64 -4.82 10.25
CA LEU D 201 1.98 -4.25 9.07
C LEU D 201 0.54 -4.70 9.01
N SER D 202 -0.38 -3.75 9.07
CA SER D 202 -1.81 -4.03 9.10
C SER D 202 -2.53 -3.16 8.08
N ALA D 203 -3.62 -3.72 7.53
CA ALA D 203 -4.50 -2.97 6.64
C ALA D 203 -5.49 -2.10 7.39
N ASP D 204 -5.36 -2.02 8.71
CA ASP D 204 -6.23 -1.20 9.56
C ASP D 204 -5.97 0.29 9.40
N ASN D 205 -5.05 0.68 8.53
CA ASN D 205 -4.81 2.08 8.21
C ASN D 205 -5.08 2.42 6.76
N THR D 206 -4.96 1.46 5.84
CA THR D 206 -5.26 1.71 4.44
C THR D 206 -6.76 1.97 4.28
N CYS D 207 -7.10 3.05 3.60
CA CYS D 207 -8.51 3.39 3.40
C CYS D 207 -9.16 2.36 2.48
N PHE D 208 -10.32 1.87 2.90
CA PHE D 208 -11.00 0.81 2.16
C PHE D 208 -12.14 1.30 1.29
N ILE D 209 -12.63 2.53 1.53
CA ILE D 209 -13.65 3.12 0.66
C ILE D 209 -12.97 4.18 -0.19
N GLN D 210 -12.40 3.77 -1.33
CA GLN D 210 -11.66 4.68 -2.18
C GLN D 210 -12.20 4.65 -3.60
N ARG D 211 -12.15 5.81 -4.25
CA ARG D 211 -12.51 5.97 -5.65
C ARG D 211 -11.38 6.73 -6.32
N GLY D 212 -10.64 6.05 -7.18
CA GLY D 212 -9.44 6.65 -7.74
C GLY D 212 -8.39 6.81 -6.66
N ASN D 213 -7.88 8.03 -6.50
CA ASN D 213 -6.94 8.34 -5.44
C ASN D 213 -7.59 9.08 -4.28
N ILE D 214 -8.92 9.02 -4.18
CA ILE D 214 -9.68 9.71 -3.14
C ILE D 214 -10.15 8.68 -2.13
N CYS D 215 -9.79 8.90 -0.86
CA CYS D 215 -10.28 8.08 0.24
C CYS D 215 -11.51 8.75 0.84
N TRP D 216 -12.63 8.04 0.84
CA TRP D 216 -13.89 8.59 1.33
C TRP D 216 -14.18 8.09 2.75
N ASP D 217 -14.84 8.95 3.52
CA ASP D 217 -15.17 8.64 4.90
C ASP D 217 -16.33 9.52 5.34
N VAL D 218 -16.97 9.12 6.43
CA VAL D 218 -18.01 9.93 7.05
C VAL D 218 -17.36 10.85 8.08
N GLU D 219 -18.06 11.94 8.42
CA GLU D 219 -17.49 12.93 9.32
C GLU D 219 -17.89 12.60 10.77
N ASP D 220 -17.93 13.61 11.63
CA ASP D 220 -18.12 13.44 13.08
C ASP D 220 -16.99 12.62 13.71
#